data_2R09
#
_entry.id   2R09
#
_cell.length_a   83.599
_cell.length_b   94.611
_cell.length_c   115.308
_cell.angle_alpha   90.00
_cell.angle_beta   90.00
_cell.angle_gamma   90.00
#
_symmetry.space_group_name_H-M   'P 21 21 21'
#
loop_
_entity.id
_entity.type
_entity.pdbx_description
1 polymer Cytohesin-3
2 non-polymer 'SULFATE ION'
3 non-polymer INOSITOL-(1,3,4,5)-TETRAKISPHOSPHATE
4 non-polymer 'TRIETHYLENE GLYCOL'
5 non-polymer 3,6,9,12,15,18,21,24-OCTAOXAHEXACOSAN-1-OL
6 water water
#
_entity_poly.entity_id   1
_entity_poly.type   'polypeptide(L)'
_entity_poly.pdbx_seq_one_letter_code
;(MSE)GHHHHHHGSTTQRNAQIA(MSE)GRKKFN(MSE)DPKKGIQFLIENDLLQSSPEDVAQFLYKGEGLNKTVIGDYL
GERDDFNIKVLQAFVELHEFADLNLVQALRQFLWSFRLPGEAQKIDR(MSE)(MSE)EAFASRYCLCNPGVFQSTDTCYV
LSFAII(MSE)LNTSLHNHNVRDKPTAERFIT(MSE)NRGINEGGDLPEELLRNLYESIKNEPFKIPEDDGNDLTYTFFN
PDREGWLLKLGGRVKTWKRRWFILTDNCLYYFEYTTDKEPRGIIPLENLSIREVEDPRKPNCFELYNPSHKGQVIKACKT
EADGRVVEGNHVVYRISAPSPEEKEEW(MSE)KSIKASISRDPFYD(MSE)LATRKRRIANKK
;
_entity_poly.pdbx_strand_id   A,B
#
loop_
_chem_comp.id
_chem_comp.type
_chem_comp.name
_chem_comp.formula
4IP non-polymer INOSITOL-(1,3,4,5)-TETRAKISPHOSPHATE 'C6 H16 O18 P4'
PE5 non-polymer 3,6,9,12,15,18,21,24-OCTAOXAHEXACOSAN-1-OL 'C18 H38 O9'
PGE non-polymer 'TRIETHYLENE GLYCOL' 'C6 H14 O4'
SO4 non-polymer 'SULFATE ION' 'O4 S -2'
#
# COMPACT_ATOMS: atom_id res chain seq x y z
N GLY A 2 -8.06 77.29 5.34
CA GLY A 2 -8.97 77.31 4.15
C GLY A 2 -9.16 75.90 3.58
N HIS A 3 -8.04 75.24 3.25
CA HIS A 3 -8.05 73.88 2.70
C HIS A 3 -8.78 72.91 3.60
N HIS A 4 -9.49 71.97 3.00
CA HIS A 4 -10.12 70.92 3.77
C HIS A 4 -9.10 69.82 4.04
N HIS A 5 -9.41 69.01 5.04
CA HIS A 5 -8.55 67.92 5.44
C HIS A 5 -9.34 66.62 5.45
N HIS A 6 -8.62 65.52 5.33
CA HIS A 6 -9.22 64.19 5.40
C HIS A 6 -9.72 63.87 6.80
N HIS A 7 -10.67 62.94 6.86
CA HIS A 7 -11.01 62.21 8.06
C HIS A 7 -10.14 60.95 8.00
N HIS A 8 -9.17 60.85 8.90
CA HIS A 8 -8.35 59.65 8.95
C HIS A 8 -8.86 58.70 10.03
N GLY A 9 -9.11 57.46 9.64
CA GLY A 9 -9.62 56.45 10.56
C GLY A 9 -8.56 56.00 11.53
N SER A 10 -8.98 55.66 12.76
CA SER A 10 -8.11 55.05 13.74
C SER A 10 -7.70 53.68 13.23
N THR A 11 -6.40 53.37 13.30
CA THR A 11 -5.88 52.11 12.80
C THR A 11 -5.44 51.21 13.96
N THR A 12 -5.68 51.69 15.18
CA THR A 12 -5.24 51.01 16.40
C THR A 12 -5.70 49.55 16.43
N GLN A 13 -7.02 49.33 16.34
CA GLN A 13 -7.57 47.98 16.49
C GLN A 13 -7.17 47.03 15.36
N ARG A 14 -7.14 47.53 14.13
CA ARG A 14 -6.75 46.68 12.99
C ARG A 14 -5.30 46.22 13.07
N ASN A 15 -4.40 47.16 13.37
CA ASN A 15 -2.98 46.81 13.54
C ASN A 15 -2.77 45.84 14.71
N ALA A 16 -3.54 46.03 15.78
CA ALA A 16 -3.51 45.13 16.93
C ALA A 16 -3.93 43.72 16.56
N GLN A 17 -4.97 43.59 15.73
CA GLN A 17 -5.46 42.28 15.27
C GLN A 17 -4.41 41.62 14.37
N ILE A 18 -3.83 42.42 13.48
CA ILE A 18 -2.75 41.93 12.60
C ILE A 18 -1.60 41.38 13.46
N ALA A 19 -1.17 42.16 14.45
CA ALA A 19 -0.08 41.75 15.33
C ALA A 19 -0.46 40.52 16.16
N MSE A 20 -1.71 40.49 16.66
CA MSE A 20 -2.23 39.36 17.42
C MSE A 20 -2.21 38.08 16.58
O MSE A 20 -1.74 37.04 17.04
CB MSE A 20 -3.65 39.65 17.92
CG MSE A 20 -4.26 38.53 18.77
SE MSE A 20 -3.29 38.23 20.43
CE MSE A 20 -3.64 39.98 21.29
N GLY A 21 -2.71 38.18 15.35
CA GLY A 21 -2.74 37.05 14.42
C GLY A 21 -1.36 36.45 14.17
N ARG A 22 -0.36 37.32 13.98
CA ARG A 22 1.02 36.88 13.76
C ARG A 22 1.59 36.21 14.99
N LYS A 23 1.35 36.81 16.16
CA LYS A 23 1.85 36.26 17.42
C LYS A 23 1.29 34.85 17.61
N LYS A 24 0.00 34.69 17.33
CA LYS A 24 -0.70 33.41 17.49
C LYS A 24 -0.17 32.36 16.53
N PHE A 25 0.01 32.77 15.27
CA PHE A 25 0.56 31.90 14.24
C PHE A 25 1.90 31.30 14.66
N ASN A 26 2.78 32.15 15.18
CA ASN A 26 4.13 31.74 15.53
C ASN A 26 4.19 30.75 16.68
N MSE A 27 3.13 30.73 17.49
CA MSE A 27 3.01 29.74 18.56
C MSE A 27 2.29 28.49 18.08
O MSE A 27 2.66 27.37 18.45
CB MSE A 27 2.29 30.36 19.76
CG MSE A 27 3.11 31.40 20.48
SE MSE A 27 2.17 32.08 22.04
CE MSE A 27 0.98 33.33 21.19
N ASP A 28 1.25 28.68 17.26
CA ASP A 28 0.47 27.58 16.71
C ASP A 28 -0.12 28.01 15.37
N PRO A 29 0.42 27.49 14.25
CA PRO A 29 0.04 27.96 12.91
C PRO A 29 -1.43 27.78 12.57
N LYS A 30 -2.02 26.65 12.97
CA LYS A 30 -3.43 26.41 12.76
C LYS A 30 -4.31 27.45 13.47
N LYS A 31 -3.96 27.77 14.71
CA LYS A 31 -4.70 28.74 15.54
C LYS A 31 -4.53 30.19 15.08
N GLY A 32 -3.33 30.54 14.63
CA GLY A 32 -3.12 31.88 14.06
C GLY A 32 -3.92 32.10 12.79
N ILE A 33 -3.93 31.10 11.92
CA ILE A 33 -4.68 31.16 10.66
C ILE A 33 -6.18 31.26 10.93
N GLN A 34 -6.68 30.50 11.89
CA GLN A 34 -8.09 30.59 12.28
C GLN A 34 -8.46 31.96 12.86
N PHE A 35 -7.58 32.55 13.67
CA PHE A 35 -7.81 33.88 14.25
C PHE A 35 -7.93 34.93 13.14
N LEU A 36 -7.03 34.85 12.16
CA LEU A 36 -7.00 35.83 11.08
C LEU A 36 -8.24 35.73 10.21
N ILE A 37 -8.67 34.50 9.96
CA ILE A 37 -9.90 34.25 9.18
C ILE A 37 -11.12 34.82 9.93
N GLU A 38 -11.24 34.51 11.22
CA GLU A 38 -12.36 35.01 12.05
C GLU A 38 -12.38 36.53 12.15
N ASN A 39 -11.20 37.14 12.07
CA ASN A 39 -11.08 38.58 12.17
C ASN A 39 -11.09 39.28 10.82
N ASP A 40 -11.50 38.55 9.78
CA ASP A 40 -11.63 39.07 8.41
C ASP A 40 -10.34 39.68 7.86
N LEU A 41 -9.21 39.08 8.22
CA LEU A 41 -7.90 39.55 7.78
C LEU A 41 -7.27 38.57 6.80
N LEU A 42 -7.93 37.42 6.61
CA LEU A 42 -7.45 36.35 5.76
C LEU A 42 -8.66 35.57 5.24
N GLN A 43 -8.64 35.22 3.96
CA GLN A 43 -9.70 34.37 3.39
C GLN A 43 -9.35 32.90 3.62
N SER A 44 -10.36 32.04 3.60
CA SER A 44 -10.25 30.68 4.11
C SER A 44 -9.80 29.62 3.10
N SER A 45 -9.65 30.01 1.83
CA SER A 45 -9.24 29.04 0.80
C SER A 45 -7.76 28.65 0.94
N PRO A 46 -7.40 27.43 0.46
CA PRO A 46 -6.01 26.99 0.45
C PRO A 46 -5.09 27.97 -0.28
N GLU A 47 -5.59 28.54 -1.38
CA GLU A 47 -4.84 29.52 -2.17
C GLU A 47 -4.58 30.80 -1.37
N ASP A 48 -5.58 31.24 -0.62
CA ASP A 48 -5.44 32.46 0.21
C ASP A 48 -4.47 32.22 1.36
N VAL A 49 -4.58 31.07 2.03
CA VAL A 49 -3.65 30.73 3.10
C VAL A 49 -2.22 30.62 2.54
N ALA A 50 -2.11 30.05 1.34
CA ALA A 50 -0.79 29.90 0.70
C ALA A 50 -0.12 31.25 0.43
N GLN A 51 -0.91 32.22 -0.05
CA GLN A 51 -0.40 33.56 -0.31
C GLN A 51 0.07 34.23 0.98
N PHE A 52 -0.70 34.02 2.04
CA PHE A 52 -0.35 34.53 3.37
C PHE A 52 0.99 33.97 3.84
N LEU A 53 1.19 32.65 3.69
CA LEU A 53 2.43 32.01 4.12
C LEU A 53 3.61 32.37 3.22
N TYR A 54 3.33 32.49 1.93
CA TYR A 54 4.35 32.86 0.93
C TYR A 54 4.88 34.28 1.21
N LYS A 55 3.98 35.24 1.43
CA LYS A 55 4.44 36.56 1.88
C LYS A 55 5.18 36.44 3.22
N GLY A 56 4.59 35.70 4.15
CA GLY A 56 5.23 35.36 5.44
C GLY A 56 5.68 36.54 6.28
N GLU A 57 4.94 37.65 6.19
CA GLU A 57 5.35 38.88 6.87
C GLU A 57 5.27 38.70 8.39
N GLY A 58 6.43 38.77 9.03
CA GLY A 58 6.54 38.60 10.49
C GLY A 58 6.25 37.17 10.95
N LEU A 59 6.30 36.22 10.01
CA LEU A 59 6.06 34.81 10.31
C LEU A 59 7.35 34.03 10.47
N ASN A 60 7.38 33.14 11.47
CA ASN A 60 8.48 32.25 11.72
C ASN A 60 8.53 31.19 10.61
N LYS A 61 9.64 31.15 9.88
CA LYS A 61 9.77 30.23 8.73
C LYS A 61 9.84 28.73 9.08
N THR A 62 10.29 28.42 10.30
CA THR A 62 10.21 27.04 10.80
C THR A 62 8.74 26.64 10.99
N VAL A 63 7.94 27.55 11.52
CA VAL A 63 6.50 27.31 11.71
C VAL A 63 5.77 27.15 10.37
N ILE A 64 6.12 27.99 9.39
CA ILE A 64 5.61 27.80 8.03
C ILE A 64 5.88 26.38 7.52
N GLY A 65 7.11 25.90 7.70
CA GLY A 65 7.45 24.55 7.26
C GLY A 65 6.68 23.46 7.98
N ASP A 66 6.50 23.65 9.29
CA ASP A 66 5.72 22.71 10.12
C ASP A 66 4.32 22.54 9.58
N TYR A 67 3.67 23.66 9.29
CA TYR A 67 2.30 23.69 8.78
C TYR A 67 2.17 23.08 7.37
N LEU A 68 3.10 23.43 6.47
CA LEU A 68 3.03 22.96 5.09
C LEU A 68 3.28 21.46 4.93
N GLY A 69 4.00 20.89 5.89
CA GLY A 69 4.38 19.48 5.83
C GLY A 69 3.30 18.52 6.30
N GLU A 70 2.31 19.04 7.03
CA GLU A 70 1.21 18.23 7.60
C GLU A 70 0.45 17.42 6.56
N ARG A 71 -0.10 16.28 7.01
CA ARG A 71 -0.80 15.38 6.11
C ARG A 71 -2.27 15.77 5.84
N ASP A 72 -2.80 16.71 6.62
CA ASP A 72 -4.18 17.18 6.46
C ASP A 72 -4.53 17.57 5.02
N ASP A 73 -5.76 17.24 4.62
CA ASP A 73 -6.26 17.57 3.28
C ASP A 73 -6.10 19.05 2.94
N PHE A 74 -6.45 19.92 3.89
CA PHE A 74 -6.32 21.36 3.69
C PHE A 74 -4.85 21.76 3.50
N ASN A 75 -3.98 21.26 4.37
CA ASN A 75 -2.53 21.56 4.33
C ASN A 75 -1.87 21.10 3.05
N ILE A 76 -2.26 19.92 2.56
CA ILE A 76 -1.81 19.42 1.27
C ILE A 76 -2.18 20.39 0.14
N LYS A 77 -3.39 20.95 0.22
CA LYS A 77 -3.82 21.92 -0.79
C LYS A 77 -3.05 23.23 -0.66
N VAL A 78 -2.82 23.68 0.58
CA VAL A 78 -2.02 24.88 0.83
C VAL A 78 -0.61 24.70 0.25
N LEU A 79 0.01 23.56 0.54
CA LEU A 79 1.35 23.25 0.02
C LEU A 79 1.42 23.35 -1.51
N GLN A 80 0.47 22.74 -2.21
CA GLN A 80 0.49 22.81 -3.66
C GLN A 80 0.37 24.25 -4.17
N ALA A 81 -0.51 25.03 -3.55
CA ALA A 81 -0.67 26.44 -3.91
C ALA A 81 0.58 27.26 -3.56
N PHE A 82 1.21 26.89 -2.46
CA PHE A 82 2.46 27.52 -2.00
C PHE A 82 3.58 27.32 -3.03
N VAL A 83 3.78 26.08 -3.48
CA VAL A 83 4.78 25.81 -4.51
C VAL A 83 4.45 26.47 -5.84
N GLU A 84 3.15 26.62 -6.14
CA GLU A 84 2.74 27.28 -7.39
C GLU A 84 3.05 28.79 -7.43
N LEU A 85 3.20 29.41 -6.26
CA LEU A 85 3.56 30.82 -6.17
C LEU A 85 5.06 31.06 -6.41
N HIS A 86 5.83 29.97 -6.44
CA HIS A 86 7.25 30.03 -6.78
C HIS A 86 7.44 29.87 -8.28
N GLU A 87 8.17 30.80 -8.90
CA GLU A 87 8.49 30.67 -10.32
C GLU A 87 9.87 30.10 -10.56
N PHE A 88 9.93 28.86 -11.03
CA PHE A 88 11.20 28.18 -11.26
C PHE A 88 11.61 28.15 -12.73
N ALA A 89 10.76 28.66 -13.62
CA ALA A 89 11.09 28.64 -15.05
C ALA A 89 12.40 29.35 -15.31
N ASP A 90 13.20 28.76 -16.20
CA ASP A 90 14.47 29.34 -16.63
C ASP A 90 15.49 29.46 -15.49
N LEU A 91 15.33 28.64 -14.45
CA LEU A 91 16.31 28.56 -13.38
C LEU A 91 16.85 27.15 -13.36
N ASN A 92 18.14 26.97 -13.05
CA ASN A 92 18.66 25.62 -12.85
C ASN A 92 18.26 25.10 -11.48
N LEU A 93 18.51 23.82 -11.19
CA LEU A 93 17.97 23.23 -9.96
C LEU A 93 18.50 23.86 -8.67
N VAL A 94 19.78 24.21 -8.63
CA VAL A 94 20.35 24.96 -7.48
C VAL A 94 19.64 26.31 -7.29
N GLN A 95 19.47 27.05 -8.39
CA GLN A 95 18.82 28.37 -8.31
C GLN A 95 17.38 28.27 -7.81
N ALA A 96 16.66 27.24 -8.29
CA ALA A 96 15.30 26.97 -7.84
C ALA A 96 15.28 26.59 -6.35
N LEU A 97 16.25 25.78 -5.92
CA LEU A 97 16.35 25.39 -4.52
C LEU A 97 16.68 26.57 -3.62
N ARG A 98 17.56 27.47 -4.09
CA ARG A 98 17.85 28.69 -3.33
C ARG A 98 16.57 29.47 -3.05
N GLN A 99 15.73 29.59 -4.07
CA GLN A 99 14.46 30.32 -3.97
C GLN A 99 13.48 29.67 -2.99
N PHE A 100 13.25 28.39 -3.20
CA PHE A 100 12.32 27.61 -2.39
C PHE A 100 12.72 27.60 -0.92
N LEU A 101 14.01 27.34 -0.68
CA LEU A 101 14.55 27.23 0.67
C LEU A 101 14.65 28.58 1.38
N TRP A 102 14.37 29.68 0.68
CA TRP A 102 14.24 30.97 1.37
C TRP A 102 12.86 31.12 2.04
N SER A 103 11.88 30.41 1.52
CA SER A 103 10.48 30.64 1.86
C SER A 103 10.01 29.95 3.16
N PHE A 104 10.75 28.96 3.62
CA PHE A 104 10.38 28.18 4.80
C PHE A 104 11.63 27.43 5.27
N ARG A 105 11.56 26.82 6.45
CA ARG A 105 12.61 25.94 6.94
C ARG A 105 12.10 24.51 6.95
N LEU A 106 12.87 23.60 6.38
CA LEU A 106 12.47 22.20 6.28
C LEU A 106 12.19 21.62 7.66
N PRO A 107 11.02 20.99 7.84
CA PRO A 107 10.72 20.27 9.08
C PRO A 107 11.69 19.11 9.32
N GLY A 108 11.64 18.51 10.52
CA GLY A 108 12.61 17.47 10.87
C GLY A 108 12.17 16.07 10.47
N GLU A 109 10.86 15.88 10.34
CA GLU A 109 10.27 14.56 10.09
C GLU A 109 10.39 14.15 8.62
N ALA A 110 10.83 12.91 8.39
CA ALA A 110 11.12 12.42 7.04
C ALA A 110 9.91 12.50 6.10
N GLN A 111 8.73 12.14 6.61
CA GLN A 111 7.52 12.13 5.79
C GLN A 111 7.10 13.55 5.38
N LYS A 112 7.38 14.52 6.25
CA LYS A 112 7.06 15.92 5.97
C LYS A 112 8.03 16.49 4.93
N ILE A 113 9.31 16.18 5.09
CA ILE A 113 10.33 16.59 4.11
C ILE A 113 10.01 16.04 2.73
N ASP A 114 9.67 14.75 2.69
CA ASP A 114 9.33 14.08 1.46
C ASP A 114 8.15 14.72 0.74
N ARG A 115 7.09 15.07 1.47
CA ARG A 115 5.94 15.72 0.87
C ARG A 115 6.31 17.08 0.25
N MSE A 116 7.11 17.84 0.97
CA MSE A 116 7.53 19.15 0.51
C MSE A 116 8.49 19.09 -0.68
O MSE A 116 8.37 19.87 -1.63
CB MSE A 116 8.11 19.97 1.65
CG MSE A 116 7.09 20.28 2.73
SE MSE A 116 7.58 21.78 3.81
CE MSE A 116 7.33 23.20 2.44
N MSE A 117 9.43 18.14 -0.64
CA MSE A 117 10.39 18.01 -1.74
C MSE A 117 9.77 17.34 -2.98
O MSE A 117 10.19 17.62 -4.09
CB MSE A 117 11.66 17.30 -1.28
CG MSE A 117 12.41 18.06 -0.17
SE MSE A 117 12.95 19.88 -0.77
CE MSE A 117 14.16 19.30 -2.18
N GLU A 118 8.76 16.49 -2.78
CA GLU A 118 8.00 15.96 -3.90
C GLU A 118 7.24 17.09 -4.57
N ALA A 119 6.66 17.98 -3.77
CA ALA A 119 5.88 19.08 -4.31
C ALA A 119 6.81 20.03 -5.06
N PHE A 120 7.99 20.26 -4.52
CA PHE A 120 8.99 21.10 -5.17
C PHE A 120 9.44 20.50 -6.50
N ALA A 121 9.81 19.22 -6.48
CA ALA A 121 10.34 18.55 -7.66
C ALA A 121 9.30 18.55 -8.78
N SER A 122 8.06 18.26 -8.42
CA SER A 122 6.97 18.28 -9.40
C SER A 122 6.83 19.65 -10.05
N ARG A 123 6.86 20.70 -9.22
CA ARG A 123 6.78 22.09 -9.69
C ARG A 123 7.96 22.45 -10.59
N TYR A 124 9.18 22.08 -10.15
CA TYR A 124 10.37 22.37 -10.94
C TYR A 124 10.27 21.75 -12.35
N CYS A 125 9.88 20.49 -12.42
CA CYS A 125 9.76 19.77 -13.69
C CYS A 125 8.67 20.35 -14.60
N LEU A 126 7.58 20.82 -14.02
CA LEU A 126 6.53 21.50 -14.81
C LEU A 126 7.05 22.82 -15.38
N CYS A 127 7.84 23.55 -14.58
CA CYS A 127 8.40 24.84 -14.99
C CYS A 127 9.51 24.69 -16.02
N ASN A 128 10.17 23.54 -16.03
CA ASN A 128 11.36 23.28 -16.84
C ASN A 128 11.28 21.90 -17.48
N PRO A 129 10.34 21.73 -18.43
CA PRO A 129 10.10 20.41 -19.00
C PRO A 129 11.30 19.92 -19.81
N GLY A 130 11.53 18.62 -19.78
CA GLY A 130 12.60 18.03 -20.56
C GLY A 130 13.97 18.04 -19.91
N VAL A 131 14.14 18.81 -18.84
CA VAL A 131 15.43 18.84 -18.14
C VAL A 131 15.70 17.51 -17.44
N PHE A 132 14.70 17.02 -16.74
CA PHE A 132 14.82 15.75 -16.05
C PHE A 132 13.79 14.77 -16.59
N GLN A 133 14.19 13.51 -16.72
CA GLN A 133 13.30 12.47 -17.28
C GLN A 133 12.17 12.06 -16.34
N SER A 134 12.28 12.39 -15.06
CA SER A 134 11.22 12.12 -14.10
C SER A 134 11.30 13.04 -12.90
N THR A 135 10.18 13.13 -12.16
CA THR A 135 10.13 13.81 -10.87
C THR A 135 11.13 13.16 -9.91
N ASP A 136 11.22 11.83 -9.93
CA ASP A 136 12.18 11.11 -9.07
C ASP A 136 13.60 11.59 -9.29
N THR A 137 13.98 11.76 -10.56
CA THR A 137 15.33 12.23 -10.91
C THR A 137 15.59 13.60 -10.27
N CYS A 138 14.63 14.49 -10.44
CA CYS A 138 14.71 15.85 -9.88
C CYS A 138 14.82 15.82 -8.35
N TYR A 139 14.02 14.96 -7.72
CA TYR A 139 13.98 14.84 -6.27
C TYR A 139 15.33 14.34 -5.74
N VAL A 140 15.83 13.25 -6.35
CA VAL A 140 17.10 12.69 -5.94
C VAL A 140 18.27 13.66 -6.16
N LEU A 141 18.28 14.33 -7.31
CA LEU A 141 19.34 15.32 -7.58
C LEU A 141 19.27 16.48 -6.58
N SER A 142 18.06 16.87 -6.20
CA SER A 142 17.89 17.92 -5.18
C SER A 142 18.60 17.52 -3.89
N PHE A 143 18.45 16.27 -3.49
CA PHE A 143 19.17 15.81 -2.31
C PHE A 143 20.66 15.59 -2.51
N ALA A 144 21.07 15.27 -3.74
CA ALA A 144 22.50 15.23 -4.04
C ALA A 144 23.10 16.63 -3.87
N ILE A 145 22.34 17.64 -4.26
CA ILE A 145 22.77 19.05 -4.15
C ILE A 145 22.84 19.46 -2.68
N ILE A 146 21.82 19.09 -1.92
CA ILE A 146 21.80 19.34 -0.49
C ILE A 146 22.97 18.64 0.21
N MSE A 147 23.21 17.37 -0.13
CA MSE A 147 24.35 16.66 0.46
C MSE A 147 25.68 17.30 0.06
O MSE A 147 26.60 17.35 0.87
CB MSE A 147 24.36 15.18 0.06
CG MSE A 147 25.18 14.32 0.99
SE MSE A 147 24.91 12.42 0.61
CE MSE A 147 25.86 12.40 -0.99
N LEU A 148 25.77 17.81 -1.17
CA LEU A 148 26.97 18.50 -1.62
C LEU A 148 27.21 19.77 -0.79
N ASN A 149 26.13 20.50 -0.53
CA ASN A 149 26.21 21.71 0.29
C ASN A 149 26.79 21.40 1.66
N THR A 150 26.29 20.32 2.27
CA THR A 150 26.85 19.86 3.53
C THR A 150 28.31 19.46 3.41
N SER A 151 28.63 18.61 2.42
CA SER A 151 30.01 18.14 2.25
C SER A 151 31.02 19.27 2.06
N LEU A 152 30.68 20.24 1.21
CA LEU A 152 31.58 21.35 0.91
C LEU A 152 31.73 22.35 2.06
N HIS A 153 30.64 22.60 2.78
CA HIS A 153 30.57 23.75 3.69
C HIS A 153 30.56 23.43 5.18
N ASN A 154 30.33 22.17 5.53
CA ASN A 154 30.39 21.76 6.94
C ASN A 154 31.78 21.23 7.24
N HIS A 155 32.48 21.90 8.16
CA HIS A 155 33.87 21.56 8.47
C HIS A 155 34.03 20.14 9.02
N ASN A 156 32.94 19.55 9.52
CA ASN A 156 32.97 18.17 10.01
C ASN A 156 33.13 17.12 8.91
N VAL A 157 32.96 17.53 7.66
CA VAL A 157 33.20 16.64 6.52
C VAL A 157 34.62 16.91 6.01
N ARG A 158 35.52 15.95 6.24
CA ARG A 158 36.94 16.14 5.93
C ARG A 158 37.27 16.19 4.43
N ASP A 159 36.81 15.18 3.69
CA ASP A 159 37.12 15.03 2.27
C ASP A 159 36.11 15.78 1.40
N LYS A 160 36.55 16.89 0.80
CA LYS A 160 35.63 17.71 0.02
C LYS A 160 35.58 17.19 -1.43
N PRO A 161 34.37 16.93 -1.97
CA PRO A 161 34.30 16.39 -3.32
C PRO A 161 34.74 17.41 -4.38
N THR A 162 35.48 16.92 -5.37
CA THR A 162 35.77 17.68 -6.57
C THR A 162 34.55 17.69 -7.48
N ALA A 163 34.57 18.58 -8.49
CA ALA A 163 33.52 18.60 -9.51
C ALA A 163 33.34 17.22 -10.13
N GLU A 164 34.46 16.56 -10.42
CA GLU A 164 34.45 15.25 -11.10
C GLU A 164 33.84 14.17 -10.22
N ARG A 165 34.13 14.22 -8.92
CA ARG A 165 33.46 13.30 -7.98
C ARG A 165 31.94 13.54 -8.01
N PHE A 166 31.52 14.80 -7.96
CA PHE A 166 30.07 15.12 -8.00
C PHE A 166 29.40 14.63 -9.28
N ILE A 167 30.05 14.88 -10.41
CA ILE A 167 29.57 14.36 -11.70
C ILE A 167 29.40 12.83 -11.71
N THR A 168 30.44 12.09 -11.34
CA THR A 168 30.39 10.62 -11.36
C THR A 168 29.46 10.01 -10.31
N MSE A 169 29.34 10.66 -9.15
CA MSE A 169 28.40 10.23 -8.11
C MSE A 169 26.97 10.16 -8.64
O MSE A 169 26.16 9.37 -8.15
CB MSE A 169 28.42 11.16 -6.90
CG MSE A 169 29.56 10.94 -5.97
SE MSE A 169 29.58 12.35 -4.59
CE MSE A 169 28.37 11.53 -3.31
N ASN A 170 26.67 10.99 -9.63
CA ASN A 170 25.32 11.09 -10.18
C ASN A 170 25.05 10.33 -11.48
N ARG A 171 25.99 9.48 -11.86
CA ARG A 171 25.81 8.59 -13.01
C ARG A 171 24.50 7.81 -12.87
N GLY A 172 23.76 7.72 -13.97
CA GLY A 172 22.56 6.91 -14.04
C GLY A 172 21.30 7.51 -13.45
N ILE A 173 21.39 8.73 -12.92
CA ILE A 173 20.29 9.33 -12.17
C ILE A 173 19.10 9.72 -13.05
N ASN A 174 19.35 9.95 -14.34
CA ASN A 174 18.32 10.41 -15.24
C ASN A 174 17.58 9.20 -15.85
N GLU A 175 16.86 8.50 -14.99
CA GLU A 175 16.11 7.30 -15.37
C GLU A 175 17.00 6.27 -16.04
N GLY A 176 18.20 6.08 -15.51
CA GLY A 176 19.14 5.11 -16.05
C GLY A 176 20.28 5.69 -16.85
N GLY A 177 20.09 6.88 -17.41
CA GLY A 177 21.12 7.56 -18.18
C GLY A 177 21.72 8.69 -17.39
N ASP A 178 22.72 9.35 -17.97
CA ASP A 178 23.45 10.43 -17.30
C ASP A 178 22.89 11.79 -17.68
N LEU A 179 22.95 12.71 -16.72
CA LEU A 179 22.63 14.10 -17.03
C LEU A 179 23.84 14.71 -17.73
N PRO A 180 23.62 15.87 -18.39
CA PRO A 180 24.71 16.56 -19.06
C PRO A 180 25.83 16.92 -18.10
N GLU A 181 27.06 16.62 -18.49
CA GLU A 181 28.23 16.91 -17.67
C GLU A 181 28.28 18.36 -17.23
N GLU A 182 28.02 19.28 -18.16
CA GLU A 182 28.13 20.72 -17.86
C GLU A 182 27.01 21.22 -16.94
N LEU A 183 25.85 20.56 -16.99
CA LEU A 183 24.77 20.88 -16.07
C LEU A 183 25.20 20.51 -14.64
N LEU A 184 25.68 19.29 -14.43
CA LEU A 184 26.16 18.88 -13.11
C LEU A 184 27.32 19.76 -12.63
N ARG A 185 28.21 20.12 -13.55
CA ARG A 185 29.34 20.98 -13.20
C ARG A 185 28.84 22.35 -12.75
N ASN A 186 27.85 22.88 -13.47
CA ASN A 186 27.27 24.20 -13.11
C ASN A 186 26.66 24.18 -11.71
N LEU A 187 25.94 23.11 -11.40
CA LEU A 187 25.33 22.95 -10.07
C LEU A 187 26.40 22.89 -9.00
N TYR A 188 27.40 22.04 -9.23
CA TYR A 188 28.54 21.93 -8.31
C TYR A 188 29.18 23.30 -8.06
N GLU A 189 29.50 24.00 -9.15
CA GLU A 189 30.22 25.28 -9.02
C GLU A 189 29.39 26.32 -8.28
N SER A 190 28.08 26.34 -8.50
CA SER A 190 27.20 27.28 -7.82
C SER A 190 27.21 27.08 -6.30
N ILE A 191 27.08 25.82 -5.87
CA ILE A 191 27.11 25.48 -4.45
C ILE A 191 28.49 25.75 -3.84
N LYS A 192 29.54 25.42 -4.58
CA LYS A 192 30.91 25.66 -4.10
C LYS A 192 31.15 27.15 -3.85
N ASN A 193 30.63 27.98 -4.74
CA ASN A 193 30.82 29.44 -4.65
C ASN A 193 29.95 30.08 -3.56
N GLU A 194 28.73 29.57 -3.38
CA GLU A 194 27.83 30.10 -2.38
C GLU A 194 26.99 28.99 -1.74
N PRO A 195 27.18 28.73 -0.43
CA PRO A 195 26.33 27.79 0.28
C PRO A 195 24.88 28.23 0.17
N PHE A 196 23.94 27.31 0.40
CA PHE A 196 22.54 27.70 0.55
C PHE A 196 22.42 28.70 1.69
N LYS A 197 21.82 29.84 1.39
CA LYS A 197 21.47 30.82 2.42
C LYS A 197 20.12 30.45 2.99
N ILE A 198 20.11 30.21 4.30
CA ILE A 198 18.94 29.69 5.01
C ILE A 198 18.40 30.79 5.93
N PRO A 199 17.09 31.04 5.88
CA PRO A 199 16.57 32.15 6.70
C PRO A 199 16.54 31.79 8.19
N GLU A 200 16.79 32.77 9.06
CA GLU A 200 16.79 32.54 10.51
C GLU A 200 17.76 31.40 10.88
N ASP A 201 18.85 31.26 10.14
CA ASP A 201 19.73 30.09 10.27
C ASP A 201 20.30 29.96 11.68
N ASP A 202 20.13 28.78 12.26
CA ASP A 202 20.65 28.48 13.60
C ASP A 202 21.98 27.71 13.56
N GLY A 203 22.38 27.29 12.36
CA GLY A 203 23.60 26.50 12.20
C GLY A 203 23.37 25.00 12.31
N ASN A 204 22.11 24.59 12.32
CA ASN A 204 21.75 23.17 12.41
C ASN A 204 20.70 22.78 11.36
N ASP A 205 20.68 23.51 10.25
CA ASP A 205 19.69 23.25 9.22
C ASP A 205 20.00 21.92 8.54
N LEU A 206 18.95 21.27 8.06
CA LEU A 206 19.09 20.05 7.25
C LEU A 206 20.09 20.23 6.12
N THR A 207 20.08 21.40 5.47
CA THR A 207 20.96 21.64 4.30
C THR A 207 22.45 21.66 4.64
N TYR A 208 22.77 21.81 5.92
CA TYR A 208 24.13 21.94 6.42
C TYR A 208 24.57 20.66 7.14
N THR A 209 23.62 19.76 7.38
CA THR A 209 23.87 18.57 8.21
C THR A 209 23.36 17.30 7.53
N PHE A 210 23.34 17.29 6.21
CA PHE A 210 22.88 16.12 5.47
C PHE A 210 24.10 15.29 5.12
N PHE A 211 24.45 14.34 6.01
CA PHE A 211 25.69 13.60 5.90
C PHE A 211 25.51 12.28 5.15
N ASN A 212 26.62 11.79 4.60
CA ASN A 212 26.65 10.53 3.87
C ASN A 212 27.16 9.46 4.82
N PRO A 213 26.31 8.47 5.17
CA PRO A 213 26.76 7.47 6.14
C PRO A 213 27.51 6.26 5.53
N ASP A 214 27.62 6.20 4.20
CA ASP A 214 28.22 5.02 3.55
C ASP A 214 29.74 5.01 3.76
N ARG A 215 30.31 3.82 3.88
CA ARG A 215 31.72 3.68 4.23
C ARG A 215 32.45 2.67 3.38
N GLU A 216 33.77 2.80 3.34
CA GLU A 216 34.64 1.87 2.64
C GLU A 216 35.96 1.74 3.39
N GLY A 217 36.64 0.61 3.21
CA GLY A 217 37.97 0.44 3.79
C GLY A 217 38.41 -1.00 3.80
N TRP A 218 39.72 -1.21 3.88
CA TRP A 218 40.32 -2.53 3.98
C TRP A 218 40.21 -3.06 5.41
N LEU A 219 39.77 -4.32 5.54
CA LEU A 219 39.72 -5.01 6.82
C LEU A 219 40.13 -6.47 6.62
N LEU A 220 40.42 -7.15 7.72
CA LEU A 220 40.79 -8.54 7.65
C LEU A 220 39.59 -9.35 8.13
N LYS A 221 39.17 -10.32 7.32
CA LYS A 221 37.99 -11.11 7.67
C LYS A 221 38.31 -12.60 7.77
N LEU A 222 37.68 -13.25 8.74
CA LEU A 222 37.84 -14.70 8.95
C LEU A 222 36.86 -15.47 8.06
N GLY A 223 37.33 -16.59 7.49
CA GLY A 223 36.50 -17.42 6.59
C GLY A 223 35.43 -18.25 7.29
N GLY A 224 34.64 -18.98 6.50
CA GLY A 224 33.47 -19.73 7.01
C GLY A 224 33.86 -21.14 7.42
N ARG A 225 33.75 -22.09 6.49
CA ARG A 225 34.16 -23.46 6.75
C ARG A 225 35.65 -23.54 6.99
N VAL A 226 36.41 -22.90 6.12
CA VAL A 226 37.86 -22.86 6.24
C VAL A 226 38.24 -21.56 6.92
N LYS A 227 38.88 -21.69 8.08
CA LYS A 227 39.15 -20.57 8.99
C LYS A 227 40.41 -19.77 8.66
N THR A 228 40.42 -19.20 7.45
CA THR A 228 41.54 -18.37 7.03
C THR A 228 41.19 -16.88 7.05
N TRP A 229 42.19 -16.06 7.36
CA TRP A 229 42.01 -14.62 7.39
C TRP A 229 42.43 -14.00 6.05
N LYS A 230 41.52 -13.20 5.48
CA LYS A 230 41.74 -12.57 4.19
C LYS A 230 41.57 -11.06 4.25
N ARG A 231 42.48 -10.34 3.61
CA ARG A 231 42.37 -8.88 3.50
C ARG A 231 41.40 -8.53 2.39
N ARG A 232 40.33 -7.81 2.74
CA ARG A 232 39.25 -7.52 1.80
C ARG A 232 38.82 -6.07 1.89
N TRP A 233 38.33 -5.55 0.77
CA TRP A 233 37.89 -4.16 0.66
C TRP A 233 36.41 -4.13 0.92
N PHE A 234 36.01 -3.47 2.00
CA PHE A 234 34.61 -3.46 2.43
C PHE A 234 33.89 -2.20 2.01
N ILE A 235 32.64 -2.34 1.60
CA ILE A 235 31.79 -1.18 1.34
C ILE A 235 30.46 -1.41 2.03
N LEU A 236 30.07 -0.44 2.84
CA LEU A 236 28.77 -0.43 3.52
C LEU A 236 27.87 0.60 2.84
N THR A 237 26.74 0.12 2.34
CA THR A 237 25.74 1.00 1.74
C THR A 237 24.38 0.31 1.73
N ASP A 238 23.33 1.10 1.95
CA ASP A 238 21.94 0.62 1.93
C ASP A 238 21.75 -0.68 2.73
N ASN A 239 22.26 -0.66 3.97
CA ASN A 239 22.11 -1.77 4.93
C ASN A 239 22.64 -3.12 4.46
N CYS A 240 23.72 -3.06 3.69
CA CYS A 240 24.39 -4.24 3.19
C CYS A 240 25.90 -4.03 3.24
N LEU A 241 26.63 -5.07 3.61
CA LEU A 241 28.09 -5.05 3.64
C LEU A 241 28.63 -5.87 2.48
N TYR A 242 29.30 -5.18 1.56
CA TYR A 242 29.91 -5.81 0.39
C TYR A 242 31.40 -5.92 0.66
N TYR A 243 32.01 -6.97 0.15
CA TYR A 243 33.48 -7.06 0.21
C TYR A 243 34.07 -7.57 -1.09
N PHE A 244 35.27 -7.07 -1.40
CA PHE A 244 35.87 -7.17 -2.73
C PHE A 244 37.32 -7.58 -2.56
N GLU A 245 37.87 -8.24 -3.59
CA GLU A 245 39.28 -8.56 -3.63
C GLU A 245 40.13 -7.29 -3.87
N TYR A 246 39.65 -6.44 -4.78
CA TYR A 246 40.32 -5.19 -5.16
C TYR A 246 39.36 -4.03 -5.13
N THR A 247 39.87 -2.83 -4.82
CA THR A 247 39.03 -1.61 -4.79
C THR A 247 38.37 -1.31 -6.12
N THR A 248 38.93 -1.84 -7.20
CA THR A 248 38.48 -1.55 -8.57
C THR A 248 37.45 -2.54 -9.13
N ASP A 249 37.19 -3.61 -8.39
CA ASP A 249 36.22 -4.62 -8.77
C ASP A 249 34.80 -4.11 -8.74
N LYS A 250 34.01 -4.52 -9.74
CA LYS A 250 32.57 -4.29 -9.72
C LYS A 250 31.88 -5.49 -9.09
N GLU A 251 32.46 -6.66 -9.30
CA GLU A 251 31.91 -7.89 -8.76
C GLU A 251 32.48 -8.13 -7.36
N PRO A 252 31.60 -8.23 -6.34
CA PRO A 252 32.10 -8.45 -5.01
C PRO A 252 32.52 -9.89 -4.79
N ARG A 253 33.39 -10.10 -3.80
CA ARG A 253 33.72 -11.44 -3.36
C ARG A 253 32.52 -11.98 -2.59
N GLY A 254 31.84 -11.09 -1.86
CA GLY A 254 30.68 -11.50 -1.09
C GLY A 254 29.75 -10.34 -0.76
N ILE A 255 28.52 -10.69 -0.41
CA ILE A 255 27.48 -9.72 -0.07
C ILE A 255 26.77 -10.20 1.19
N ILE A 256 26.75 -9.35 2.22
CA ILE A 256 26.13 -9.68 3.50
C ILE A 256 25.01 -8.68 3.83
N PRO A 257 23.74 -9.05 3.53
CA PRO A 257 22.63 -8.19 3.98
C PRO A 257 22.62 -8.06 5.52
N LEU A 258 22.45 -6.84 6.04
CA LEU A 258 22.56 -6.63 7.49
C LEU A 258 21.22 -6.77 8.21
N GLU A 259 20.16 -6.91 7.43
CA GLU A 259 18.84 -7.04 8.03
C GLU A 259 18.81 -8.25 8.96
N ASN A 260 18.31 -8.03 10.18
CA ASN A 260 18.16 -9.07 11.20
C ASN A 260 19.45 -9.43 11.92
N LEU A 261 20.53 -8.71 11.60
CA LEU A 261 21.82 -8.98 12.23
C LEU A 261 22.11 -8.00 13.34
N SER A 262 23.16 -8.31 14.10
CA SER A 262 23.63 -7.42 15.13
C SER A 262 25.15 -7.51 15.10
N ILE A 263 25.81 -6.66 15.87
CA ILE A 263 27.26 -6.61 15.87
C ILE A 263 27.73 -6.54 17.31
N ARG A 264 28.83 -7.22 17.60
CA ARG A 264 29.40 -7.23 18.94
C ARG A 264 30.91 -7.27 18.85
N GLU A 265 31.58 -6.65 19.83
CA GLU A 265 33.02 -6.73 19.94
C GLU A 265 33.36 -8.10 20.47
N VAL A 266 34.47 -8.67 19.99
CA VAL A 266 34.87 -10.04 20.35
C VAL A 266 36.37 -10.16 20.56
N GLU A 267 36.76 -10.99 21.52
CA GLU A 267 38.16 -11.34 21.70
C GLU A 267 38.51 -12.47 20.76
N ASP A 268 39.67 -12.33 20.12
CA ASP A 268 40.22 -13.37 19.27
C ASP A 268 41.61 -13.72 19.80
N PRO A 269 42.00 -15.01 19.75
CA PRO A 269 43.32 -15.42 20.27
C PRO A 269 44.50 -14.76 19.56
N ARG A 270 44.32 -14.41 18.28
CA ARG A 270 45.45 -13.98 17.45
C ARG A 270 45.26 -12.56 16.91
N LYS A 271 44.06 -12.24 16.43
CA LYS A 271 43.79 -10.93 15.81
C LYS A 271 43.24 -9.88 16.78
N PRO A 272 43.79 -8.65 16.72
CA PRO A 272 43.31 -7.55 17.55
C PRO A 272 42.14 -6.81 16.92
N ASN A 273 41.43 -6.03 17.73
CA ASN A 273 40.41 -5.09 17.27
C ASN A 273 39.31 -5.78 16.45
N CYS A 274 38.76 -6.85 17.01
CA CYS A 274 37.75 -7.66 16.31
C CYS A 274 36.32 -7.34 16.69
N PHE A 275 35.44 -7.47 15.71
CA PHE A 275 34.00 -7.49 15.94
C PHE A 275 33.39 -8.62 15.11
N GLU A 276 32.14 -8.94 15.41
CA GLU A 276 31.43 -10.08 14.81
C GLU A 276 30.03 -9.67 14.44
N LEU A 277 29.61 -10.02 13.22
CA LEU A 277 28.20 -9.97 12.84
C LEU A 277 27.58 -11.30 13.23
N TYR A 278 26.39 -11.27 13.82
CA TYR A 278 25.70 -12.49 14.20
C TYR A 278 24.19 -12.23 14.16
N ASN A 279 23.39 -13.28 14.12
CA ASN A 279 21.94 -13.13 14.14
C ASN A 279 21.46 -13.28 15.59
N PRO A 280 21.00 -12.17 16.19
CA PRO A 280 20.63 -12.21 17.60
C PRO A 280 19.38 -13.04 17.88
N SER A 281 18.50 -13.18 16.88
CA SER A 281 17.20 -13.85 17.05
C SER A 281 17.25 -15.36 16.80
N HIS A 282 18.27 -15.82 16.10
CA HIS A 282 18.39 -17.23 15.73
C HIS A 282 19.83 -17.68 16.02
N LYS A 283 20.08 -17.96 17.30
CA LYS A 283 21.42 -18.33 17.76
C LYS A 283 21.92 -19.58 17.04
N GLY A 284 23.13 -19.47 16.48
CA GLY A 284 23.76 -20.58 15.79
C GLY A 284 23.34 -20.76 14.34
N GLN A 285 22.42 -19.92 13.88
CA GLN A 285 21.91 -20.02 12.50
C GLN A 285 22.90 -19.43 11.50
N VAL A 286 23.06 -20.09 10.36
CA VAL A 286 23.88 -19.52 9.28
C VAL A 286 23.27 -18.22 8.77
N ILE A 287 24.11 -17.21 8.61
CA ILE A 287 23.72 -15.91 8.10
C ILE A 287 23.52 -15.94 6.58
N LYS A 288 22.36 -15.45 6.13
CA LYS A 288 22.04 -15.35 4.71
C LYS A 288 23.03 -14.38 4.04
N ALA A 289 23.80 -14.90 3.09
CA ALA A 289 24.76 -14.11 2.33
C ALA A 289 25.12 -14.90 1.09
N CYS A 290 25.71 -14.22 0.11
CA CYS A 290 26.25 -14.93 -1.02
C CYS A 290 27.69 -14.51 -1.27
N LYS A 291 28.44 -15.42 -1.87
CA LYS A 291 29.83 -15.15 -2.22
C LYS A 291 30.22 -15.97 -3.43
N THR A 292 31.39 -15.67 -3.99
CA THR A 292 31.88 -16.41 -5.15
C THR A 292 32.98 -17.39 -4.77
N GLU A 293 32.98 -18.52 -5.46
CA GLU A 293 34.02 -19.54 -5.33
C GLU A 293 35.07 -19.31 -6.40
N ALA A 294 36.22 -19.96 -6.25
CA ALA A 294 37.34 -19.80 -7.19
C ALA A 294 36.96 -20.14 -8.62
N ASP A 295 36.03 -21.08 -8.78
CA ASP A 295 35.55 -21.53 -10.09
C ASP A 295 34.55 -20.55 -10.72
N GLY A 296 34.21 -19.51 -9.98
CA GLY A 296 33.31 -18.48 -10.49
C GLY A 296 31.84 -18.67 -10.16
N ARG A 297 31.51 -19.76 -9.47
CA ARG A 297 30.14 -19.97 -9.03
C ARG A 297 29.78 -18.97 -7.94
N VAL A 298 28.50 -18.61 -7.84
CA VAL A 298 27.99 -17.88 -6.69
C VAL A 298 27.26 -18.90 -5.83
N VAL A 299 27.58 -18.91 -4.54
CA VAL A 299 26.95 -19.86 -3.60
C VAL A 299 26.56 -19.12 -2.31
N GLU A 300 25.74 -19.76 -1.48
CA GLU A 300 25.40 -19.22 -0.17
C GLU A 300 26.62 -19.22 0.73
N GLY A 301 26.70 -18.23 1.63
CA GLY A 301 27.73 -18.23 2.66
C GLY A 301 27.50 -19.34 3.68
N ASN A 302 28.56 -19.69 4.40
CA ASN A 302 28.52 -20.75 5.41
C ASN A 302 28.77 -20.23 6.82
N HIS A 303 28.64 -18.92 7.02
CA HIS A 303 28.97 -18.29 8.29
C HIS A 303 27.82 -18.28 9.28
N VAL A 304 28.12 -18.70 10.51
CA VAL A 304 27.25 -18.42 11.64
C VAL A 304 27.57 -17.01 12.18
N VAL A 305 28.86 -16.66 12.19
CA VAL A 305 29.30 -15.28 12.44
C VAL A 305 30.27 -14.80 11.35
N TYR A 306 30.35 -13.48 11.15
CA TYR A 306 31.42 -12.88 10.34
C TYR A 306 32.32 -12.14 11.28
N ARG A 307 33.51 -12.70 11.54
CA ARG A 307 34.47 -12.05 12.42
C ARG A 307 35.44 -11.25 11.59
N ILE A 308 35.67 -10.01 12.01
CA ILE A 308 36.43 -9.05 11.22
C ILE A 308 37.38 -8.31 12.16
N SER A 309 38.64 -8.21 11.73
CA SER A 309 39.70 -7.54 12.48
C SER A 309 40.05 -6.20 11.83
N ALA A 310 40.04 -5.14 12.63
CA ALA A 310 40.43 -3.78 12.17
C ALA A 310 41.89 -3.45 12.55
N PRO A 311 42.56 -2.56 11.80
CA PRO A 311 43.98 -2.30 12.09
C PRO A 311 44.25 -1.52 13.38
N SER A 312 43.22 -0.88 13.92
CA SER A 312 43.35 -0.10 15.16
C SER A 312 42.08 -0.21 15.99
N PRO A 313 42.16 0.06 17.32
CA PRO A 313 40.94 0.12 18.11
C PRO A 313 39.98 1.20 17.62
N GLU A 314 40.52 2.29 17.11
CA GLU A 314 39.72 3.41 16.61
C GLU A 314 38.91 3.02 15.39
N GLU A 315 39.54 2.31 14.46
CA GLU A 315 38.84 1.85 13.27
C GLU A 315 37.79 0.78 13.59
N LYS A 316 38.08 -0.10 14.55
CA LYS A 316 37.08 -1.05 15.03
C LYS A 316 35.85 -0.29 15.55
N GLU A 317 36.09 0.72 16.39
CA GLU A 317 35.00 1.53 16.93
C GLU A 317 34.20 2.22 15.83
N GLU A 318 34.91 2.75 14.83
CA GLU A 318 34.25 3.47 13.74
C GLU A 318 33.34 2.53 12.92
N TRP A 319 33.87 1.35 12.58
CA TRP A 319 33.09 0.38 11.80
C TRP A 319 31.88 -0.13 12.56
N MSE A 320 32.07 -0.41 13.84
CA MSE A 320 30.97 -0.86 14.68
C MSE A 320 29.87 0.19 14.75
O MSE A 320 28.69 -0.13 14.60
CB MSE A 320 31.47 -1.19 16.08
CG MSE A 320 32.40 -2.39 16.12
SE MSE A 320 32.75 -2.95 17.95
CE MSE A 320 30.93 -3.17 18.53
N LYS A 321 30.25 1.44 14.95
CA LYS A 321 29.29 2.54 14.99
C LYS A 321 28.55 2.66 13.66
N SER A 322 29.29 2.65 12.56
CA SER A 322 28.68 2.73 11.23
C SER A 322 27.72 1.58 10.95
N ILE A 323 28.13 0.36 11.29
CA ILE A 323 27.28 -0.82 11.06
C ILE A 323 26.01 -0.79 11.93
N LYS A 324 26.15 -0.45 13.21
CA LYS A 324 25.00 -0.28 14.11
C LYS A 324 23.99 0.73 13.59
N ALA A 325 24.51 1.88 13.15
CA ALA A 325 23.70 2.95 12.56
C ALA A 325 22.97 2.45 11.31
N SER A 326 23.67 1.68 10.48
CA SER A 326 23.05 1.08 9.30
C SER A 326 21.89 0.16 9.69
N ILE A 327 22.12 -0.70 10.67
CA ILE A 327 21.09 -1.65 11.13
C ILE A 327 19.85 -0.97 11.73
N SER A 328 20.06 0.09 12.52
CA SER A 328 18.94 0.79 13.16
C SER A 328 18.13 1.57 12.12
N ARG A 329 18.79 1.88 11.01
CA ARG A 329 18.20 2.55 9.84
C ARG A 329 17.80 4.00 10.04
N ASP A 330 17.69 4.71 8.92
CA ASP A 330 17.21 6.09 8.93
C ASP A 330 16.11 6.23 7.91
N PRO A 331 14.90 6.63 8.35
CA PRO A 331 13.72 6.59 7.49
C PRO A 331 13.94 7.37 6.20
N PHE A 332 14.54 8.55 6.28
CA PHE A 332 14.72 9.35 5.07
C PHE A 332 15.79 8.82 4.11
N TYR A 333 16.93 8.37 4.65
CA TYR A 333 17.93 7.64 3.84
C TYR A 333 17.21 6.54 3.07
N ASP A 334 16.39 5.76 3.76
CA ASP A 334 15.65 4.66 3.13
C ASP A 334 14.68 5.10 2.03
N MSE A 335 13.99 6.22 2.25
CA MSE A 335 13.08 6.78 1.24
C MSE A 335 13.82 7.21 -0.03
O MSE A 335 13.34 6.98 -1.14
CB MSE A 335 12.31 7.95 1.82
CG MSE A 335 10.93 7.57 2.32
SE MSE A 335 10.30 8.92 3.56
CE MSE A 335 10.55 7.95 5.22
N LEU A 336 14.99 7.82 0.15
CA LEU A 336 15.86 8.15 -0.98
C LEU A 336 16.34 6.91 -1.70
N ALA A 337 16.79 5.91 -0.94
CA ALA A 337 17.17 4.62 -1.52
C ALA A 337 16.07 4.07 -2.43
N THR A 338 14.82 4.12 -1.96
CA THR A 338 13.66 3.60 -2.69
C THR A 338 13.44 4.31 -4.04
N ARG A 339 13.56 5.64 -4.03
CA ARG A 339 13.43 6.43 -5.24
C ARG A 339 14.54 6.13 -6.24
N LYS A 340 15.74 5.91 -5.72
CA LYS A 340 16.87 5.56 -6.55
C LYS A 340 16.66 4.21 -7.23
N ARG A 341 16.06 3.27 -6.50
CA ARG A 341 15.71 1.99 -7.11
C ARG A 341 14.64 2.10 -8.21
N ARG A 342 13.60 2.93 -8.00
CA ARG A 342 12.59 3.14 -9.06
C ARG A 342 13.10 3.94 -10.26
N ILE A 343 14.15 4.74 -10.06
CA ILE A 343 14.82 5.41 -11.17
C ILE A 343 15.47 4.36 -12.09
N ALA A 344 16.22 3.43 -11.50
CA ALA A 344 17.01 2.45 -12.25
C ALA A 344 16.16 1.36 -12.91
N GLY B 2 -56.07 -21.49 37.75
CA GLY B 2 -55.62 -22.81 38.30
C GLY B 2 -54.45 -22.66 39.24
N HIS B 3 -54.35 -23.58 40.21
CA HIS B 3 -53.23 -23.64 41.16
C HIS B 3 -52.93 -25.11 41.43
N HIS B 4 -51.90 -25.61 40.76
CA HIS B 4 -51.60 -27.03 40.74
C HIS B 4 -50.13 -27.23 41.06
N HIS B 5 -49.76 -28.47 41.41
CA HIS B 5 -48.36 -28.82 41.58
C HIS B 5 -47.61 -28.78 40.22
N HIS B 6 -46.40 -28.23 40.24
CA HIS B 6 -45.51 -28.28 39.09
C HIS B 6 -44.39 -29.26 39.39
N HIS B 7 -44.19 -30.22 38.50
CA HIS B 7 -43.31 -31.35 38.76
C HIS B 7 -41.94 -31.27 38.09
N HIS B 8 -41.72 -30.26 37.24
CA HIS B 8 -40.49 -30.24 36.44
C HIS B 8 -39.70 -28.94 36.57
N GLY B 9 -39.59 -28.44 37.80
CA GLY B 9 -39.03 -27.10 38.04
C GLY B 9 -37.63 -26.88 37.49
N SER B 10 -36.74 -27.86 37.67
CA SER B 10 -35.36 -27.77 37.16
C SER B 10 -35.31 -27.58 35.65
N THR B 11 -36.09 -28.39 34.94
CA THR B 11 -36.19 -28.35 33.49
C THR B 11 -36.79 -27.02 33.06
N THR B 12 -37.84 -26.60 33.74
CA THR B 12 -38.51 -25.34 33.43
C THR B 12 -37.51 -24.19 33.54
N GLN B 13 -36.78 -24.14 34.65
CA GLN B 13 -35.80 -23.10 34.90
C GLN B 13 -34.71 -23.10 33.82
N ARG B 14 -34.14 -24.28 33.59
CA ARG B 14 -33.04 -24.40 32.63
C ARG B 14 -33.50 -23.97 31.23
N ASN B 15 -34.60 -24.53 30.76
CA ASN B 15 -35.15 -24.23 29.44
C ASN B 15 -35.49 -22.76 29.25
N ALA B 16 -36.10 -22.17 30.27
CA ALA B 16 -36.52 -20.77 30.22
C ALA B 16 -35.33 -19.83 30.11
N GLN B 17 -34.34 -20.04 30.98
CA GLN B 17 -33.13 -19.23 31.01
C GLN B 17 -32.31 -19.38 29.73
N ILE B 18 -32.13 -20.61 29.25
CA ILE B 18 -31.41 -20.83 28.00
C ILE B 18 -32.15 -20.19 26.81
N ALA B 19 -33.48 -20.27 26.81
CA ALA B 19 -34.28 -19.65 25.74
C ALA B 19 -34.07 -18.14 25.66
N MSE B 20 -34.09 -17.47 26.81
CA MSE B 20 -33.87 -16.02 26.84
C MSE B 20 -32.45 -15.69 26.40
O MSE B 20 -32.25 -14.72 25.65
CB MSE B 20 -34.14 -15.44 28.23
CG MSE B 20 -35.60 -15.46 28.67
SE MSE B 20 -36.92 -15.01 27.30
CE MSE B 20 -38.25 -14.07 28.47
N GLY B 21 -31.48 -16.49 26.85
CA GLY B 21 -30.08 -16.33 26.49
C GLY B 21 -29.80 -16.45 24.99
N ARG B 22 -30.51 -17.37 24.34
CA ARG B 22 -30.41 -17.52 22.90
C ARG B 22 -30.96 -16.29 22.18
N LYS B 23 -32.10 -15.78 22.66
CA LYS B 23 -32.65 -14.54 22.12
C LYS B 23 -31.72 -13.34 22.33
N LYS B 24 -31.07 -13.30 23.48
CA LYS B 24 -30.06 -12.25 23.75
C LYS B 24 -28.89 -12.35 22.77
N PHE B 25 -28.42 -13.57 22.54
CA PHE B 25 -27.36 -13.83 21.57
C PHE B 25 -27.72 -13.30 20.19
N ASN B 26 -28.93 -13.59 19.73
CA ASN B 26 -29.39 -13.15 18.42
C ASN B 26 -29.46 -11.64 18.26
N MSE B 27 -29.66 -10.93 19.36
CA MSE B 27 -29.69 -9.47 19.39
C MSE B 27 -28.28 -8.90 19.39
O MSE B 27 -28.02 -7.90 18.71
CB MSE B 27 -30.43 -8.98 20.64
CG MSE B 27 -31.90 -9.35 20.65
SE MSE B 27 -32.64 -9.05 22.42
CE MSE B 27 -32.85 -7.13 22.32
N ASP B 28 -27.40 -9.52 20.16
CA ASP B 28 -26.02 -9.10 20.33
C ASP B 28 -25.23 -10.33 20.79
N PRO B 29 -24.49 -10.98 19.87
CA PRO B 29 -23.84 -12.25 20.21
C PRO B 29 -22.92 -12.15 21.42
N LYS B 30 -22.18 -11.05 21.53
CA LYS B 30 -21.28 -10.84 22.66
C LYS B 30 -22.04 -10.81 23.98
N LYS B 31 -23.18 -10.11 24.00
CA LYS B 31 -24.01 -10.00 25.20
C LYS B 31 -24.68 -11.32 25.56
N GLY B 32 -25.12 -12.06 24.55
CA GLY B 32 -25.76 -13.36 24.76
C GLY B 32 -24.83 -14.38 25.39
N ILE B 33 -23.66 -14.55 24.79
CA ILE B 33 -22.60 -15.40 25.36
C ILE B 33 -22.32 -15.01 26.81
N GLN B 34 -22.14 -13.71 27.05
CA GLN B 34 -21.90 -13.19 28.41
C GLN B 34 -23.01 -13.58 29.37
N PHE B 35 -24.27 -13.39 28.97
CA PHE B 35 -25.43 -13.77 29.79
C PHE B 35 -25.41 -15.25 30.16
N LEU B 36 -25.15 -16.10 29.16
CA LEU B 36 -25.12 -17.54 29.36
C LEU B 36 -23.98 -17.99 30.26
N ILE B 37 -22.83 -17.32 30.14
CA ILE B 37 -21.67 -17.63 30.99
C ILE B 37 -21.94 -17.18 32.44
N GLU B 38 -22.32 -15.91 32.61
CA GLU B 38 -22.64 -15.33 33.92
C GLU B 38 -23.62 -16.16 34.74
N ASN B 39 -24.60 -16.76 34.05
CA ASN B 39 -25.69 -17.46 34.70
C ASN B 39 -25.52 -18.98 34.64
N ASP B 40 -24.28 -19.40 34.37
CA ASP B 40 -23.86 -20.80 34.35
C ASP B 40 -24.67 -21.72 33.44
N LEU B 41 -25.15 -21.16 32.32
CA LEU B 41 -25.87 -21.93 31.31
C LEU B 41 -24.92 -22.40 30.21
N LEU B 42 -23.67 -21.94 30.32
CA LEU B 42 -22.63 -22.19 29.33
C LEU B 42 -21.27 -21.93 29.97
N GLN B 43 -20.33 -22.84 29.75
CA GLN B 43 -18.99 -22.69 30.32
C GLN B 43 -18.15 -21.71 29.49
N SER B 44 -17.12 -21.15 30.12
CA SER B 44 -16.46 -19.94 29.61
C SER B 44 -15.38 -20.14 28.52
N SER B 45 -14.98 -21.37 28.27
CA SER B 45 -13.90 -21.65 27.31
C SER B 45 -14.35 -21.48 25.85
N PRO B 46 -13.39 -21.19 24.93
CA PRO B 46 -13.70 -21.14 23.49
C PRO B 46 -14.37 -22.41 22.97
N GLU B 47 -13.94 -23.57 23.47
CA GLU B 47 -14.49 -24.86 23.08
C GLU B 47 -15.98 -25.05 23.42
N ASP B 48 -16.37 -24.61 24.61
CA ASP B 48 -17.76 -24.71 25.05
C ASP B 48 -18.64 -23.74 24.25
N VAL B 49 -18.16 -22.52 24.07
CA VAL B 49 -18.86 -21.53 23.25
C VAL B 49 -19.02 -22.05 21.82
N ALA B 50 -17.95 -22.64 21.26
CA ALA B 50 -18.01 -23.21 19.93
C ALA B 50 -19.02 -24.35 19.84
N GLN B 51 -19.09 -25.19 20.86
CA GLN B 51 -20.08 -26.27 20.88
C GLN B 51 -21.52 -25.72 20.89
N PHE B 52 -21.73 -24.64 21.63
CA PHE B 52 -23.02 -23.94 21.69
C PHE B 52 -23.40 -23.41 20.31
N LEU B 53 -22.42 -22.83 19.62
CA LEU B 53 -22.64 -22.24 18.30
C LEU B 53 -22.89 -23.31 17.24
N TYR B 54 -22.11 -24.38 17.32
CA TYR B 54 -22.24 -25.52 16.41
C TYR B 54 -23.59 -26.21 16.57
N LYS B 55 -23.99 -26.51 17.80
CA LYS B 55 -25.37 -26.97 18.03
C LYS B 55 -26.36 -25.99 17.42
N GLY B 56 -26.19 -24.70 17.76
CA GLY B 56 -26.93 -23.62 17.10
C GLY B 56 -28.44 -23.59 17.30
N GLU B 57 -28.89 -24.23 18.37
CA GLU B 57 -30.32 -24.33 18.67
C GLU B 57 -30.94 -22.96 18.93
N GLY B 58 -31.94 -22.61 18.11
CA GLY B 58 -32.64 -21.32 18.24
C GLY B 58 -31.76 -20.11 17.98
N LEU B 59 -30.62 -20.35 17.33
CA LEU B 59 -29.67 -19.28 16.98
C LEU B 59 -29.77 -18.85 15.51
N ASN B 60 -29.66 -17.54 15.32
CA ASN B 60 -29.64 -16.95 13.99
C ASN B 60 -28.26 -17.20 13.38
N LYS B 61 -28.22 -17.92 12.27
CA LYS B 61 -26.94 -18.35 11.69
C LYS B 61 -26.11 -17.23 11.04
N THR B 62 -26.79 -16.13 10.69
CA THR B 62 -26.14 -14.91 10.23
C THR B 62 -25.37 -14.28 11.38
N VAL B 63 -26.00 -14.23 12.55
CA VAL B 63 -25.36 -13.73 13.76
C VAL B 63 -24.18 -14.63 14.16
N ILE B 64 -24.35 -15.95 14.03
CA ILE B 64 -23.22 -16.87 14.25
C ILE B 64 -22.01 -16.46 13.38
N GLY B 65 -22.26 -16.28 12.09
CA GLY B 65 -21.24 -15.80 11.15
C GLY B 65 -20.62 -14.47 11.51
N ASP B 66 -21.44 -13.51 11.98
CA ASP B 66 -20.93 -12.19 12.37
C ASP B 66 -19.95 -12.34 13.53
N TYR B 67 -20.29 -13.20 14.48
CA TYR B 67 -19.52 -13.41 15.70
C TYR B 67 -18.21 -14.15 15.44
N LEU B 68 -18.28 -15.25 14.68
CA LEU B 68 -17.10 -16.06 14.37
C LEU B 68 -16.08 -15.32 13.50
N GLY B 69 -16.56 -14.34 12.73
CA GLY B 69 -15.69 -13.56 11.84
C GLY B 69 -15.00 -12.35 12.46
N GLU B 70 -15.25 -12.09 13.74
CA GLU B 70 -14.62 -10.97 14.45
C GLU B 70 -13.13 -11.21 14.68
N ARG B 71 -12.35 -10.12 14.70
CA ARG B 71 -10.89 -10.23 14.84
C ARG B 71 -10.40 -10.35 16.28
N ASP B 72 -11.32 -10.28 17.24
CA ASP B 72 -10.98 -10.41 18.66
C ASP B 72 -10.34 -11.77 18.96
N ASP B 73 -9.43 -11.80 19.92
CA ASP B 73 -8.68 -13.02 20.26
C ASP B 73 -9.58 -14.19 20.70
N PHE B 74 -10.59 -13.90 21.53
CA PHE B 74 -11.53 -14.93 21.97
C PHE B 74 -12.30 -15.52 20.78
N ASN B 75 -12.85 -14.64 19.95
CA ASN B 75 -13.58 -15.06 18.74
C ASN B 75 -12.75 -15.91 17.79
N ILE B 76 -11.47 -15.55 17.63
CA ILE B 76 -10.53 -16.30 16.81
C ILE B 76 -10.38 -17.73 17.34
N LYS B 77 -10.34 -17.87 18.67
CA LYS B 77 -10.20 -19.17 19.29
C LYS B 77 -11.49 -19.99 19.20
N VAL B 78 -12.63 -19.30 19.27
CA VAL B 78 -13.92 -19.95 19.07
C VAL B 78 -14.05 -20.46 17.64
N LEU B 79 -13.66 -19.62 16.68
CA LEU B 79 -13.67 -20.04 15.27
C LEU B 79 -12.83 -21.30 15.03
N GLN B 80 -11.63 -21.37 15.62
CA GLN B 80 -10.81 -22.57 15.51
C GLN B 80 -11.52 -23.81 16.06
N ALA B 81 -12.07 -23.69 17.27
CA ALA B 81 -12.78 -24.81 17.89
C ALA B 81 -14.05 -25.18 17.10
N PHE B 82 -14.68 -24.17 16.51
CA PHE B 82 -15.89 -24.33 15.69
C PHE B 82 -15.59 -25.18 14.45
N VAL B 83 -14.49 -24.89 13.76
CA VAL B 83 -14.12 -25.67 12.57
C VAL B 83 -13.63 -27.07 12.97
N GLU B 84 -13.05 -27.18 14.16
CA GLU B 84 -12.63 -28.47 14.72
C GLU B 84 -13.82 -29.42 15.02
N LEU B 85 -15.00 -28.84 15.21
CA LEU B 85 -16.22 -29.62 15.40
C LEU B 85 -16.78 -30.17 14.08
N HIS B 86 -16.24 -29.66 12.97
CA HIS B 86 -16.54 -30.18 11.66
C HIS B 86 -15.51 -31.28 11.36
N GLU B 87 -16.00 -32.46 11.01
CA GLU B 87 -15.16 -33.62 10.78
C GLU B 87 -14.93 -33.79 9.28
N PHE B 88 -13.80 -33.28 8.80
CA PHE B 88 -13.54 -33.20 7.36
C PHE B 88 -12.74 -34.36 6.75
N ALA B 89 -12.23 -35.26 7.60
CA ALA B 89 -11.44 -36.39 7.11
C ALA B 89 -12.26 -37.30 6.20
N ASP B 90 -11.68 -37.63 5.05
CA ASP B 90 -12.27 -38.57 4.08
C ASP B 90 -13.47 -37.99 3.33
N LEU B 91 -13.63 -36.67 3.40
CA LEU B 91 -14.62 -35.96 2.62
C LEU B 91 -13.89 -35.22 1.52
N ASN B 92 -14.48 -35.17 0.33
CA ASN B 92 -13.96 -34.30 -0.72
C ASN B 92 -14.29 -32.85 -0.37
N LEU B 93 -13.71 -31.90 -1.10
CA LEU B 93 -13.80 -30.49 -0.73
C LEU B 93 -15.24 -29.94 -0.73
N VAL B 94 -16.07 -30.40 -1.66
CA VAL B 94 -17.48 -30.01 -1.75
C VAL B 94 -18.27 -30.55 -0.54
N GLN B 95 -18.11 -31.83 -0.25
CA GLN B 95 -18.71 -32.47 0.93
C GLN B 95 -18.42 -31.72 2.24
N ALA B 96 -17.17 -31.31 2.42
CA ALA B 96 -16.76 -30.53 3.58
C ALA B 96 -17.38 -29.13 3.55
N LEU B 97 -17.40 -28.52 2.37
CA LEU B 97 -18.00 -27.20 2.20
C LEU B 97 -19.50 -27.23 2.53
N ARG B 98 -20.20 -28.29 2.10
CA ARG B 98 -21.63 -28.44 2.39
C ARG B 98 -21.92 -28.42 3.89
N GLN B 99 -21.12 -29.14 4.65
CA GLN B 99 -21.28 -29.18 6.10
C GLN B 99 -20.98 -27.83 6.73
N PHE B 100 -19.86 -27.23 6.35
CA PHE B 100 -19.42 -25.96 6.89
C PHE B 100 -20.44 -24.86 6.62
N LEU B 101 -20.92 -24.78 5.38
CA LEU B 101 -21.87 -23.76 4.97
C LEU B 101 -23.31 -23.99 5.47
N TRP B 102 -23.56 -25.14 6.11
CA TRP B 102 -24.84 -25.31 6.83
C TRP B 102 -24.81 -24.69 8.23
N SER B 103 -23.62 -24.55 8.80
CA SER B 103 -23.47 -24.21 10.22
C SER B 103 -23.59 -22.73 10.58
N PHE B 104 -23.54 -21.87 9.55
CA PHE B 104 -23.53 -20.43 9.74
C PHE B 104 -23.75 -19.79 8.37
N ARG B 105 -24.01 -18.48 8.35
CA ARG B 105 -24.12 -17.72 7.10
C ARG B 105 -22.92 -16.80 6.97
N LEU B 106 -22.32 -16.78 5.78
CA LEU B 106 -21.15 -15.95 5.51
C LEU B 106 -21.45 -14.48 5.80
N PRO B 107 -20.55 -13.82 6.54
CA PRO B 107 -20.67 -12.37 6.78
C PRO B 107 -20.52 -11.57 5.48
N GLY B 108 -20.89 -10.29 5.51
CA GLY B 108 -20.80 -9.43 4.33
C GLY B 108 -19.45 -8.75 4.15
N GLU B 109 -18.76 -8.53 5.27
CA GLU B 109 -17.43 -7.91 5.29
C GLU B 109 -16.39 -8.85 4.72
N ALA B 110 -15.63 -8.34 3.75
CA ALA B 110 -14.57 -9.10 3.07
C ALA B 110 -13.55 -9.70 4.05
N GLN B 111 -13.15 -8.91 5.05
CA GLN B 111 -12.19 -9.34 6.06
C GLN B 111 -12.72 -10.54 6.86
N LYS B 112 -14.01 -10.52 7.16
CA LYS B 112 -14.66 -11.57 7.93
C LYS B 112 -14.80 -12.85 7.13
N ILE B 113 -15.19 -12.72 5.86
CA ILE B 113 -15.27 -13.86 4.94
C ILE B 113 -13.92 -14.56 4.85
N ASP B 114 -12.86 -13.76 4.78
CA ASP B 114 -11.50 -14.27 4.69
C ASP B 114 -11.11 -15.14 5.89
N ARG B 115 -11.37 -14.63 7.10
CA ARG B 115 -11.01 -15.34 8.33
C ARG B 115 -11.64 -16.72 8.38
N MSE B 116 -12.89 -16.80 7.97
CA MSE B 116 -13.68 -18.02 8.08
C MSE B 116 -13.31 -19.05 7.05
O MSE B 116 -13.27 -20.24 7.33
CB MSE B 116 -15.15 -17.69 8.04
CG MSE B 116 -15.49 -16.67 9.10
SE MSE B 116 -17.20 -16.97 9.88
CE MSE B 116 -17.13 -18.92 10.19
N MSE B 117 -13.04 -18.58 5.84
CA MSE B 117 -12.61 -19.46 4.77
C MSE B 117 -11.16 -19.93 4.95
O MSE B 117 -10.81 -21.03 4.55
CB MSE B 117 -12.85 -18.81 3.40
CG MSE B 117 -14.33 -18.60 3.08
SE MSE B 117 -15.42 -20.21 3.26
CE MSE B 117 -14.43 -21.38 2.00
N GLU B 118 -10.34 -19.08 5.58
CA GLU B 118 -9.00 -19.47 6.00
C GLU B 118 -9.05 -20.57 7.07
N ALA B 119 -9.92 -20.41 8.07
CA ALA B 119 -10.10 -21.44 9.09
C ALA B 119 -10.60 -22.76 8.47
N PHE B 120 -11.55 -22.65 7.54
CA PHE B 120 -12.06 -23.82 6.84
C PHE B 120 -10.94 -24.54 6.06
N ALA B 121 -10.24 -23.79 5.22
CA ALA B 121 -9.19 -24.34 4.36
C ALA B 121 -8.07 -25.01 5.19
N SER B 122 -7.65 -24.35 6.27
CA SER B 122 -6.62 -24.92 7.16
C SER B 122 -7.10 -26.24 7.77
N ARG B 123 -8.34 -26.26 8.25
CA ARG B 123 -8.92 -27.47 8.82
C ARG B 123 -9.03 -28.59 7.79
N TYR B 124 -9.51 -28.27 6.58
CA TYR B 124 -9.63 -29.29 5.55
C TYR B 124 -8.27 -29.94 5.27
N CYS B 125 -7.24 -29.12 5.11
CA CYS B 125 -5.91 -29.60 4.75
C CYS B 125 -5.28 -30.44 5.86
N LEU B 126 -5.57 -30.10 7.11
CA LEU B 126 -5.08 -30.89 8.23
C LEU B 126 -5.79 -32.24 8.32
N CYS B 127 -7.08 -32.27 7.97
CA CYS B 127 -7.87 -33.49 7.98
C CYS B 127 -7.59 -34.36 6.76
N ASN B 128 -7.08 -33.73 5.71
CA ASN B 128 -6.81 -34.42 4.45
C ASN B 128 -5.42 -34.09 3.92
N PRO B 129 -4.37 -34.52 4.64
CA PRO B 129 -3.03 -34.10 4.26
C PRO B 129 -2.60 -34.67 2.91
N GLY B 130 -1.86 -33.88 2.14
CA GLY B 130 -1.31 -34.32 0.88
C GLY B 130 -2.21 -34.08 -0.33
N VAL B 131 -3.45 -33.65 -0.09
CA VAL B 131 -4.42 -33.40 -1.16
C VAL B 131 -4.10 -32.10 -1.91
N PHE B 132 -3.92 -31.02 -1.16
CA PHE B 132 -3.54 -29.73 -1.73
C PHE B 132 -2.15 -29.34 -1.27
N GLN B 133 -1.41 -28.65 -2.14
CA GLN B 133 -0.02 -28.29 -1.86
C GLN B 133 0.07 -27.22 -0.78
N SER B 134 -0.97 -26.39 -0.68
CA SER B 134 -1.02 -25.31 0.29
C SER B 134 -2.44 -25.02 0.74
N THR B 135 -2.57 -24.36 1.89
CA THR B 135 -3.85 -23.84 2.37
C THR B 135 -4.43 -22.85 1.36
N ASP B 136 -3.56 -22.04 0.75
CA ASP B 136 -3.94 -21.09 -0.28
C ASP B 136 -4.64 -21.76 -1.45
N THR B 137 -4.14 -22.92 -1.88
CA THR B 137 -4.74 -23.71 -2.95
C THR B 137 -6.17 -24.13 -2.58
N CYS B 138 -6.32 -24.66 -1.37
CA CYS B 138 -7.62 -25.10 -0.85
C CYS B 138 -8.61 -23.93 -0.81
N TYR B 139 -8.13 -22.80 -0.30
CA TYR B 139 -8.90 -21.56 -0.18
C TYR B 139 -9.42 -21.07 -1.54
N VAL B 140 -8.50 -20.95 -2.51
CA VAL B 140 -8.87 -20.43 -3.83
C VAL B 140 -9.79 -21.41 -4.58
N LEU B 141 -9.50 -22.70 -4.47
CA LEU B 141 -10.37 -23.71 -5.06
C LEU B 141 -11.76 -23.71 -4.44
N SER B 142 -11.82 -23.45 -3.14
CA SER B 142 -13.11 -23.35 -2.43
C SER B 142 -13.99 -22.28 -3.06
N PHE B 143 -13.42 -21.10 -3.30
CA PHE B 143 -14.15 -20.01 -3.97
C PHE B 143 -14.44 -20.27 -5.45
N ALA B 144 -13.59 -21.07 -6.10
CA ALA B 144 -13.88 -21.57 -7.44
C ALA B 144 -15.15 -22.44 -7.44
N ILE B 145 -15.29 -23.28 -6.42
CA ILE B 145 -16.47 -24.13 -6.23
C ILE B 145 -17.71 -23.26 -5.97
N ILE B 146 -17.55 -22.24 -5.13
CA ILE B 146 -18.63 -21.30 -4.82
C ILE B 146 -19.09 -20.54 -6.06
N MSE B 147 -18.14 -20.09 -6.88
CA MSE B 147 -18.50 -19.42 -8.14
C MSE B 147 -19.18 -20.37 -9.11
O MSE B 147 -20.12 -19.96 -9.81
CB MSE B 147 -17.28 -18.77 -8.80
CG MSE B 147 -17.69 -17.70 -9.80
SE MSE B 147 -16.20 -16.89 -10.74
CE MSE B 147 -15.75 -18.40 -11.85
N LEU B 148 -18.73 -21.62 -9.15
CA LEU B 148 -19.37 -22.65 -9.97
C LEU B 148 -20.81 -22.91 -9.56
N ASN B 149 -21.06 -22.86 -8.24
CA ASN B 149 -22.42 -23.03 -7.72
C ASN B 149 -23.34 -21.95 -8.27
N THR B 150 -22.87 -20.70 -8.21
CA THR B 150 -23.59 -19.57 -8.78
C THR B 150 -23.77 -19.77 -10.29
N SER B 151 -22.67 -20.07 -10.98
CA SER B 151 -22.66 -20.28 -12.42
C SER B 151 -23.70 -21.30 -12.89
N LEU B 152 -23.71 -22.47 -12.25
CA LEU B 152 -24.57 -23.56 -12.68
C LEU B 152 -26.02 -23.44 -12.19
N HIS B 153 -26.25 -22.71 -11.11
CA HIS B 153 -27.57 -22.73 -10.46
C HIS B 153 -28.32 -21.39 -10.43
N ASN B 154 -27.65 -20.30 -10.77
CA ASN B 154 -28.33 -19.02 -10.95
C ASN B 154 -28.64 -18.79 -12.43
N HIS B 155 -29.90 -18.52 -12.76
CA HIS B 155 -30.32 -18.40 -14.16
C HIS B 155 -29.81 -17.12 -14.82
N ASN B 156 -29.49 -16.10 -14.00
CA ASN B 156 -28.89 -14.87 -14.50
C ASN B 156 -27.50 -15.10 -15.08
N VAL B 157 -26.99 -16.32 -14.96
CA VAL B 157 -25.69 -16.70 -15.51
C VAL B 157 -25.88 -17.60 -16.73
N ARG B 158 -25.49 -17.09 -17.89
CA ARG B 158 -25.70 -17.80 -19.15
C ARG B 158 -24.59 -18.82 -19.46
N ASP B 159 -23.34 -18.48 -19.16
CA ASP B 159 -22.22 -19.38 -19.39
C ASP B 159 -22.17 -20.49 -18.35
N LYS B 160 -22.69 -21.66 -18.73
CA LYS B 160 -22.67 -22.84 -17.87
C LYS B 160 -21.45 -23.69 -18.20
N PRO B 161 -20.37 -23.57 -17.39
CA PRO B 161 -19.13 -24.28 -17.67
C PRO B 161 -19.32 -25.80 -17.68
N THR B 162 -18.64 -26.47 -18.61
CA THR B 162 -18.62 -27.92 -18.65
C THR B 162 -17.55 -28.44 -17.68
N ALA B 163 -17.56 -29.75 -17.42
CA ALA B 163 -16.54 -30.39 -16.57
C ALA B 163 -15.12 -30.11 -17.08
N GLU B 164 -14.95 -30.19 -18.40
CA GLU B 164 -13.66 -29.91 -19.05
C GLU B 164 -13.26 -28.45 -18.86
N ARG B 165 -14.24 -27.56 -18.97
CA ARG B 165 -14.03 -26.13 -18.77
C ARG B 165 -13.55 -25.82 -17.34
N PHE B 166 -14.17 -26.46 -16.35
CA PHE B 166 -13.81 -26.24 -14.94
C PHE B 166 -12.40 -26.75 -14.63
N ILE B 167 -12.01 -27.86 -15.27
CA ILE B 167 -10.64 -28.37 -15.19
C ILE B 167 -9.65 -27.33 -15.72
N THR B 168 -9.95 -26.75 -16.88
CA THR B 168 -9.09 -25.75 -17.51
C THR B 168 -8.95 -24.47 -16.67
N MSE B 169 -10.05 -24.04 -16.05
CA MSE B 169 -10.06 -22.81 -15.24
C MSE B 169 -9.18 -22.88 -14.00
O MSE B 169 -8.72 -21.84 -13.50
CB MSE B 169 -11.49 -22.48 -14.80
CG MSE B 169 -12.44 -22.15 -15.91
SE MSE B 169 -14.22 -21.79 -15.24
CE MSE B 169 -13.99 -19.90 -14.79
N ASN B 170 -8.93 -24.09 -13.51
CA ASN B 170 -8.14 -24.30 -12.31
C ASN B 170 -6.71 -24.76 -12.60
N ARG B 171 -6.23 -24.44 -13.81
CA ARG B 171 -4.86 -24.76 -14.20
C ARG B 171 -3.86 -23.96 -13.39
N GLY B 172 -2.87 -24.66 -12.84
CA GLY B 172 -1.80 -24.03 -12.06
C GLY B 172 -2.16 -23.67 -10.62
N ILE B 173 -3.36 -24.02 -10.20
CA ILE B 173 -3.85 -23.64 -8.86
C ILE B 173 -3.05 -24.28 -7.71
N ASN B 174 -2.51 -25.48 -7.94
CA ASN B 174 -1.77 -26.22 -6.92
C ASN B 174 -0.33 -25.74 -6.79
N GLU B 175 -0.17 -24.46 -6.45
CA GLU B 175 1.13 -23.79 -6.36
C GLU B 175 1.93 -23.90 -7.67
N GLY B 176 1.27 -23.64 -8.79
CA GLY B 176 1.88 -23.74 -10.11
C GLY B 176 1.52 -25.01 -10.83
N GLY B 177 1.35 -26.09 -10.07
CA GLY B 177 0.97 -27.39 -10.64
C GLY B 177 -0.53 -27.53 -10.83
N ASP B 178 -0.91 -28.61 -11.51
CA ASP B 178 -2.32 -28.93 -11.73
C ASP B 178 -2.80 -30.00 -10.77
N LEU B 179 -4.04 -29.84 -10.30
CA LEU B 179 -4.71 -30.86 -9.50
C LEU B 179 -5.16 -32.00 -10.42
N PRO B 180 -5.32 -33.22 -9.87
CA PRO B 180 -5.80 -34.37 -10.65
C PRO B 180 -7.16 -34.10 -11.28
N GLU B 181 -7.27 -34.45 -12.57
CA GLU B 181 -8.49 -34.24 -13.35
C GLU B 181 -9.70 -34.96 -12.73
N GLU B 182 -9.46 -36.14 -12.17
CA GLU B 182 -10.49 -36.92 -11.51
C GLU B 182 -11.05 -36.19 -10.28
N LEU B 183 -10.16 -35.59 -9.49
CA LEU B 183 -10.55 -34.81 -8.31
C LEU B 183 -11.45 -33.65 -8.70
N LEU B 184 -11.03 -32.87 -9.69
CA LEU B 184 -11.80 -31.72 -10.18
C LEU B 184 -13.16 -32.12 -10.76
N ARG B 185 -13.21 -33.29 -11.40
CA ARG B 185 -14.45 -33.80 -11.98
C ARG B 185 -15.47 -34.17 -10.91
N ASN B 186 -15.00 -34.82 -9.86
CA ASN B 186 -15.87 -35.20 -8.74
C ASN B 186 -16.50 -33.98 -8.09
N LEU B 187 -15.70 -32.93 -7.88
CA LEU B 187 -16.18 -31.66 -7.33
C LEU B 187 -17.22 -31.01 -8.23
N TYR B 188 -16.89 -30.90 -9.53
CA TYR B 188 -17.79 -30.35 -10.53
C TYR B 188 -19.14 -31.07 -10.59
N GLU B 189 -19.10 -32.40 -10.60
CA GLU B 189 -20.31 -33.22 -10.70
C GLU B 189 -21.19 -33.18 -9.44
N SER B 190 -20.55 -33.03 -8.28
CA SER B 190 -21.29 -32.92 -7.01
C SER B 190 -22.11 -31.64 -6.98
N ILE B 191 -21.47 -30.52 -7.33
CA ILE B 191 -22.13 -29.22 -7.42
C ILE B 191 -23.21 -29.21 -8.51
N LYS B 192 -22.88 -29.76 -9.67
CA LYS B 192 -23.84 -29.86 -10.77
C LYS B 192 -25.10 -30.62 -10.34
N ASN B 193 -24.89 -31.77 -9.69
CA ASN B 193 -25.98 -32.60 -9.19
C ASN B 193 -26.82 -31.94 -8.09
N GLU B 194 -26.15 -31.29 -7.14
CA GLU B 194 -26.84 -30.62 -6.03
C GLU B 194 -26.18 -29.30 -5.64
N PRO B 195 -26.93 -28.19 -5.73
CA PRO B 195 -26.40 -26.89 -5.28
C PRO B 195 -26.16 -26.86 -3.77
N PHE B 196 -25.39 -25.86 -3.31
CA PHE B 196 -25.19 -25.68 -1.89
C PHE B 196 -26.54 -25.38 -1.24
N LYS B 197 -26.87 -26.15 -0.21
CA LYS B 197 -28.04 -25.88 0.61
C LYS B 197 -27.64 -24.91 1.73
N ILE B 198 -28.34 -23.78 1.76
CA ILE B 198 -28.01 -22.67 2.63
C ILE B 198 -29.14 -22.49 3.65
N PRO B 199 -28.78 -22.33 4.94
CA PRO B 199 -29.78 -22.17 6.01
C PRO B 199 -30.38 -20.77 6.04
N GLU B 200 -31.63 -20.67 6.47
CA GLU B 200 -32.34 -19.39 6.55
C GLU B 200 -32.18 -18.63 5.24
N ASP B 201 -32.30 -19.34 4.12
CA ASP B 201 -31.94 -18.79 2.82
C ASP B 201 -32.89 -17.67 2.39
N ASP B 202 -32.30 -16.51 2.11
CA ASP B 202 -33.04 -15.32 1.69
C ASP B 202 -32.95 -15.11 0.17
N GLY B 203 -32.18 -15.97 -0.50
CA GLY B 203 -31.95 -15.88 -1.94
C GLY B 203 -30.83 -14.92 -2.32
N ASN B 204 -30.28 -14.24 -1.31
CA ASN B 204 -29.24 -13.24 -1.53
C ASN B 204 -27.82 -13.72 -1.18
N ASP B 205 -27.67 -15.01 -0.91
CA ASP B 205 -26.41 -15.55 -0.40
C ASP B 205 -25.29 -15.47 -1.43
N LEU B 206 -24.07 -15.28 -0.94
CA LEU B 206 -22.89 -15.24 -1.79
C LEU B 206 -22.78 -16.48 -2.68
N THR B 207 -23.07 -17.66 -2.12
CA THR B 207 -22.98 -18.92 -2.88
C THR B 207 -23.90 -18.97 -4.11
N TYR B 208 -24.94 -18.15 -4.10
CA TYR B 208 -25.89 -18.09 -5.20
C TYR B 208 -25.68 -16.88 -6.11
N THR B 209 -24.93 -15.90 -5.60
CA THR B 209 -24.76 -14.62 -6.29
C THR B 209 -23.30 -14.17 -6.36
N PHE B 210 -22.40 -15.14 -6.56
CA PHE B 210 -20.97 -14.90 -6.74
C PHE B 210 -20.66 -14.93 -8.25
N PHE B 211 -20.80 -13.75 -8.86
CA PHE B 211 -20.67 -13.61 -10.31
C PHE B 211 -19.24 -13.27 -10.73
N ASN B 212 -18.88 -13.68 -11.94
CA ASN B 212 -17.63 -13.30 -12.55
C ASN B 212 -17.70 -11.81 -12.92
N PRO B 213 -16.80 -10.98 -12.36
CA PRO B 213 -16.86 -9.54 -12.55
C PRO B 213 -16.07 -9.07 -13.76
N ASP B 214 -15.60 -10.02 -14.57
CA ASP B 214 -14.72 -9.68 -15.68
C ASP B 214 -15.30 -10.06 -17.02
N ARG B 215 -15.01 -9.23 -18.02
CA ARG B 215 -15.57 -9.42 -19.34
C ARG B 215 -14.74 -8.68 -20.37
N GLU B 216 -14.76 -9.18 -21.60
CA GLU B 216 -14.13 -8.51 -22.73
C GLU B 216 -15.05 -8.56 -23.95
N GLY B 217 -14.93 -7.57 -24.81
CA GLY B 217 -15.74 -7.56 -26.02
C GLY B 217 -15.90 -6.20 -26.65
N TRP B 218 -16.58 -6.20 -27.79
CA TRP B 218 -16.82 -5.00 -28.59
C TRP B 218 -18.02 -4.24 -28.13
N LEU B 219 -17.87 -2.93 -28.02
CA LEU B 219 -18.98 -2.06 -27.72
C LEU B 219 -18.81 -0.78 -28.51
N LEU B 220 -19.91 -0.06 -28.73
CA LEU B 220 -19.80 1.32 -29.18
C LEU B 220 -19.93 2.21 -27.96
N LYS B 221 -19.17 3.30 -27.94
CA LYS B 221 -19.25 4.27 -26.87
C LYS B 221 -19.42 5.66 -27.47
N LEU B 222 -20.21 6.48 -26.80
CA LEU B 222 -20.45 7.86 -27.22
C LEU B 222 -19.39 8.75 -26.58
N GLY B 223 -18.87 9.69 -27.36
CA GLY B 223 -17.82 10.62 -26.90
C GLY B 223 -18.27 11.54 -25.78
N GLY B 224 -17.31 12.22 -25.16
CA GLY B 224 -17.59 13.07 -24.00
C GLY B 224 -18.12 14.44 -24.35
N ARG B 225 -17.21 15.37 -24.64
CA ARG B 225 -17.62 16.71 -25.08
C ARG B 225 -18.21 16.64 -26.48
N VAL B 226 -17.47 16.00 -27.39
CA VAL B 226 -17.95 15.74 -28.75
C VAL B 226 -18.62 14.37 -28.80
N LYS B 227 -19.92 14.35 -29.09
CA LYS B 227 -20.71 13.12 -29.01
C LYS B 227 -20.69 12.30 -30.30
N THR B 228 -19.55 11.67 -30.56
CA THR B 228 -19.42 10.77 -31.69
C THR B 228 -19.32 9.33 -31.19
N TRP B 229 -19.93 8.41 -31.93
CA TRP B 229 -19.94 7.00 -31.58
C TRP B 229 -18.70 6.30 -32.14
N LYS B 230 -18.01 5.54 -31.29
CA LYS B 230 -16.80 4.83 -31.71
C LYS B 230 -16.85 3.39 -31.25
N ARG B 231 -16.47 2.47 -32.14
CA ARG B 231 -16.31 1.07 -31.75
C ARG B 231 -14.96 0.84 -31.10
N ARG B 232 -15.00 0.23 -29.91
CA ARG B 232 -13.79 0.00 -29.12
C ARG B 232 -13.82 -1.39 -28.52
N TRP B 233 -12.64 -1.98 -28.32
CA TRP B 233 -12.50 -3.25 -27.62
C TRP B 233 -12.43 -2.93 -26.13
N PHE B 234 -13.35 -3.47 -25.36
CA PHE B 234 -13.45 -3.19 -23.93
C PHE B 234 -12.96 -4.37 -23.10
N ILE B 235 -12.22 -4.08 -22.04
CA ILE B 235 -11.84 -5.08 -21.04
C ILE B 235 -12.26 -4.57 -19.68
N LEU B 236 -13.14 -5.32 -19.03
CA LEU B 236 -13.51 -5.05 -17.65
C LEU B 236 -12.64 -5.93 -16.76
N THR B 237 -11.81 -5.29 -15.95
CA THR B 237 -10.92 -5.97 -15.02
C THR B 237 -10.57 -4.98 -13.91
N ASP B 238 -10.31 -5.51 -12.71
CA ASP B 238 -9.90 -4.69 -11.58
C ASP B 238 -10.85 -3.52 -11.31
N ASN B 239 -12.15 -3.79 -11.46
CA ASN B 239 -13.21 -2.77 -11.30
C ASN B 239 -13.00 -1.52 -12.18
N CYS B 240 -12.41 -1.75 -13.36
CA CYS B 240 -12.18 -0.69 -14.33
C CYS B 240 -12.58 -1.16 -15.71
N LEU B 241 -13.07 -0.22 -16.50
CA LEU B 241 -13.41 -0.46 -17.89
C LEU B 241 -12.32 0.15 -18.76
N TYR B 242 -11.48 -0.71 -19.34
CA TYR B 242 -10.41 -0.29 -20.23
C TYR B 242 -10.94 -0.41 -21.66
N TYR B 243 -10.73 0.59 -22.50
CA TYR B 243 -11.14 0.48 -23.91
C TYR B 243 -9.97 0.78 -24.85
N PHE B 244 -9.94 0.06 -25.98
CA PHE B 244 -8.83 0.11 -26.93
C PHE B 244 -9.35 0.39 -28.34
N GLU B 245 -8.56 1.12 -29.15
CA GLU B 245 -8.94 1.32 -30.54
C GLU B 245 -8.91 -0.01 -31.29
N TYR B 246 -7.79 -0.73 -31.19
CA TYR B 246 -7.63 -2.04 -31.81
C TYR B 246 -7.28 -3.11 -30.78
N THR B 247 -7.69 -4.34 -31.05
CA THR B 247 -7.36 -5.49 -30.19
C THR B 247 -5.86 -5.71 -30.03
N THR B 248 -5.09 -5.15 -30.96
CA THR B 248 -3.64 -5.30 -30.97
C THR B 248 -2.92 -4.16 -30.25
N ASP B 249 -3.66 -3.16 -29.78
CA ASP B 249 -3.05 -2.03 -29.07
C ASP B 249 -2.52 -2.47 -27.72
N LYS B 250 -1.32 -2.02 -27.38
CA LYS B 250 -0.75 -2.31 -26.08
C LYS B 250 -1.32 -1.38 -25.02
N GLU B 251 -1.56 -0.13 -25.39
CA GLU B 251 -2.06 0.87 -24.45
C GLU B 251 -3.54 1.17 -24.69
N PRO B 252 -4.33 1.28 -23.59
CA PRO B 252 -5.74 1.60 -23.77
C PRO B 252 -5.94 3.00 -24.30
N ARG B 253 -7.05 3.20 -25.00
CA ARG B 253 -7.48 4.53 -25.44
C ARG B 253 -7.96 5.32 -24.21
N GLY B 254 -8.55 4.61 -23.26
CA GLY B 254 -9.06 5.23 -22.05
C GLY B 254 -9.31 4.22 -20.94
N ILE B 255 -9.51 4.74 -19.73
CA ILE B 255 -9.76 3.90 -18.56
C ILE B 255 -10.82 4.59 -17.70
N ILE B 256 -11.89 3.85 -17.39
CA ILE B 256 -13.00 4.34 -16.61
C ILE B 256 -13.07 3.52 -15.33
N PRO B 257 -12.64 4.10 -14.21
CA PRO B 257 -12.86 3.48 -12.90
C PRO B 257 -14.36 3.39 -12.61
N LEU B 258 -14.79 2.24 -12.12
CA LEU B 258 -16.22 2.01 -11.87
C LEU B 258 -16.63 2.33 -10.43
N GLU B 259 -15.64 2.68 -9.60
CA GLU B 259 -15.90 3.04 -8.21
C GLU B 259 -16.87 4.21 -8.13
N ASN B 260 -17.96 4.02 -7.38
CA ASN B 260 -19.03 5.02 -7.17
C ASN B 260 -19.99 5.26 -8.34
N LEU B 261 -19.88 4.47 -9.40
CA LEU B 261 -20.78 4.61 -10.53
C LEU B 261 -21.94 3.65 -10.45
N SER B 262 -23.02 3.96 -11.17
CA SER B 262 -24.09 2.99 -11.37
C SER B 262 -24.58 3.02 -12.82
N ILE B 263 -25.48 2.10 -13.14
CA ILE B 263 -25.98 1.94 -14.50
C ILE B 263 -27.45 2.34 -14.62
N ARG B 264 -27.80 3.01 -15.71
CA ARG B 264 -29.18 3.20 -16.11
C ARG B 264 -29.33 2.89 -17.60
N GLU B 265 -30.37 2.15 -17.96
CA GLU B 265 -30.68 1.94 -19.37
C GLU B 265 -31.24 3.22 -19.99
N VAL B 266 -30.97 3.41 -21.26
CA VAL B 266 -31.47 4.56 -22.00
C VAL B 266 -31.93 4.13 -23.39
N GLU B 267 -32.88 4.86 -23.95
CA GLU B 267 -33.21 4.71 -25.37
C GLU B 267 -32.43 5.78 -26.15
N ASP B 268 -31.76 5.35 -27.20
CA ASP B 268 -30.97 6.25 -28.05
C ASP B 268 -31.66 6.40 -29.39
N PRO B 269 -31.61 7.61 -29.99
CA PRO B 269 -32.18 7.84 -31.32
C PRO B 269 -31.54 7.00 -32.43
N ARG B 270 -30.25 6.70 -32.30
CA ARG B 270 -29.52 6.02 -33.38
C ARG B 270 -29.11 4.58 -33.06
N LYS B 271 -28.63 4.36 -31.83
CA LYS B 271 -27.97 3.11 -31.47
C LYS B 271 -28.81 2.22 -30.56
N PRO B 272 -28.72 0.89 -30.77
CA PRO B 272 -29.54 -0.05 -30.00
C PRO B 272 -28.85 -0.49 -28.71
N ASN B 273 -29.65 -1.03 -27.78
CA ASN B 273 -29.10 -1.72 -26.61
C ASN B 273 -28.17 -0.84 -25.79
N CYS B 274 -28.67 0.34 -25.40
CA CYS B 274 -27.85 1.34 -24.71
C CYS B 274 -28.02 1.40 -23.20
N PHE B 275 -26.92 1.69 -22.53
CA PHE B 275 -26.96 2.06 -21.12
C PHE B 275 -25.95 3.16 -20.84
N GLU B 276 -26.12 3.81 -19.70
CA GLU B 276 -25.20 4.85 -19.26
C GLU B 276 -24.56 4.52 -17.92
N LEU B 277 -23.27 4.82 -17.82
CA LEU B 277 -22.60 4.88 -16.52
C LEU B 277 -22.65 6.32 -16.05
N TYR B 278 -23.01 6.51 -14.79
CA TYR B 278 -23.12 7.85 -14.21
C TYR B 278 -22.90 7.77 -12.71
N ASN B 279 -22.54 8.92 -12.13
CA ASN B 279 -22.38 9.05 -10.69
C ASN B 279 -23.62 9.71 -10.09
N PRO B 280 -24.43 8.93 -9.36
CA PRO B 280 -25.71 9.40 -8.83
C PRO B 280 -25.55 10.44 -7.71
N SER B 281 -24.35 10.53 -7.16
CA SER B 281 -24.04 11.47 -6.08
C SER B 281 -23.60 12.84 -6.60
N HIS B 282 -23.12 12.90 -7.84
CA HIS B 282 -22.55 14.12 -8.38
C HIS B 282 -23.17 14.55 -9.72
N LYS B 283 -24.44 14.98 -9.67
CA LYS B 283 -25.17 15.39 -10.86
C LYS B 283 -24.48 16.49 -11.65
N GLY B 284 -24.36 16.28 -12.96
CA GLY B 284 -23.80 17.30 -13.86
C GLY B 284 -22.30 17.47 -13.80
N GLN B 285 -21.65 16.66 -12.96
CA GLN B 285 -20.19 16.73 -12.79
C GLN B 285 -19.46 15.66 -13.60
N VAL B 286 -18.31 16.04 -14.13
CA VAL B 286 -17.43 15.16 -14.88
C VAL B 286 -16.98 13.94 -14.06
N ILE B 287 -17.04 12.76 -14.69
CA ILE B 287 -16.59 11.50 -14.08
C ILE B 287 -15.06 11.41 -14.17
N LYS B 288 -14.42 11.06 -13.05
CA LYS B 288 -12.98 10.86 -13.01
C LYS B 288 -12.57 9.69 -13.90
N ALA B 289 -11.81 9.99 -14.94
CA ALA B 289 -11.32 8.99 -15.89
C ALA B 289 -10.14 9.57 -16.66
N CYS B 290 -9.43 8.72 -17.39
CA CYS B 290 -8.34 9.20 -18.24
C CYS B 290 -8.44 8.64 -19.65
N LYS B 291 -7.99 9.43 -20.61
CA LYS B 291 -7.87 8.95 -21.98
C LYS B 291 -6.69 9.61 -22.67
N THR B 292 -6.35 9.08 -23.84
CA THR B 292 -5.24 9.60 -24.64
C THR B 292 -5.77 10.37 -25.82
N GLU B 293 -5.23 11.58 -26.02
CA GLU B 293 -5.54 12.39 -27.18
C GLU B 293 -4.79 11.85 -28.40
N ALA B 294 -5.09 12.40 -29.58
CA ALA B 294 -4.44 11.99 -30.83
C ALA B 294 -2.92 12.12 -30.79
N ASP B 295 -2.42 13.16 -30.11
CA ASP B 295 -0.97 13.38 -29.99
C ASP B 295 -0.26 12.46 -29.01
N GLY B 296 -1.04 11.69 -28.24
CA GLY B 296 -0.48 10.75 -27.26
C GLY B 296 -0.52 11.24 -25.82
N ARG B 297 -0.95 12.48 -25.61
CA ARG B 297 -1.05 13.03 -24.26
C ARG B 297 -2.17 12.35 -23.49
N VAL B 298 -1.85 11.88 -22.28
CA VAL B 298 -2.84 11.32 -21.36
C VAL B 298 -3.48 12.48 -20.59
N VAL B 299 -4.80 12.61 -20.75
CA VAL B 299 -5.55 13.69 -20.11
C VAL B 299 -6.79 13.14 -19.38
N GLU B 300 -7.47 14.01 -18.63
CA GLU B 300 -8.72 13.66 -17.97
C GLU B 300 -9.87 13.60 -18.97
N GLY B 301 -10.85 12.73 -18.71
CA GLY B 301 -12.04 12.66 -19.55
C GLY B 301 -12.98 13.81 -19.26
N ASN B 302 -13.88 14.08 -20.21
CA ASN B 302 -14.84 15.17 -20.11
C ASN B 302 -16.27 14.66 -20.02
N HIS B 303 -16.45 13.44 -19.51
CA HIS B 303 -17.76 12.80 -19.47
C HIS B 303 -18.53 13.10 -18.18
N VAL B 304 -19.76 13.57 -18.32
CA VAL B 304 -20.73 13.56 -17.22
C VAL B 304 -21.34 12.16 -17.15
N VAL B 305 -21.54 11.54 -18.31
CA VAL B 305 -22.02 10.16 -18.40
C VAL B 305 -21.23 9.41 -19.48
N TYR B 306 -21.13 8.10 -19.36
CA TYR B 306 -20.65 7.25 -20.45
C TYR B 306 -21.82 6.47 -21.04
N ARG B 307 -22.27 6.85 -22.23
CA ARG B 307 -23.32 6.11 -22.93
C ARG B 307 -22.64 5.04 -23.78
N ILE B 308 -23.14 3.81 -23.63
CA ILE B 308 -22.56 2.64 -24.27
C ILE B 308 -23.68 1.93 -25.05
N SER B 309 -23.36 1.43 -26.24
CA SER B 309 -24.29 0.62 -27.02
C SER B 309 -23.70 -0.76 -27.26
N ALA B 310 -24.44 -1.81 -26.89
CA ALA B 310 -24.02 -3.20 -27.11
C ALA B 310 -24.56 -3.75 -28.45
N PRO B 311 -23.82 -4.70 -29.06
CA PRO B 311 -24.20 -5.29 -30.36
C PRO B 311 -25.53 -6.04 -30.39
N SER B 312 -25.97 -6.53 -29.23
CA SER B 312 -27.22 -7.28 -29.11
C SER B 312 -27.83 -7.08 -27.72
N PRO B 313 -29.15 -7.30 -27.58
CA PRO B 313 -29.76 -7.20 -26.25
C PRO B 313 -29.08 -8.13 -25.24
N GLU B 314 -28.70 -9.32 -25.70
CA GLU B 314 -28.02 -10.32 -24.86
C GLU B 314 -26.64 -9.86 -24.37
N GLU B 315 -25.88 -9.23 -25.26
CA GLU B 315 -24.57 -8.67 -24.86
C GLU B 315 -24.74 -7.48 -23.91
N LYS B 316 -25.80 -6.70 -24.12
CA LYS B 316 -26.13 -5.59 -23.20
C LYS B 316 -26.33 -6.12 -21.77
N GLU B 317 -27.15 -7.15 -21.64
CA GLU B 317 -27.44 -7.76 -20.34
C GLU B 317 -26.20 -8.33 -19.67
N GLU B 318 -25.35 -9.01 -20.46
CA GLU B 318 -24.07 -9.55 -19.97
C GLU B 318 -23.18 -8.46 -19.38
N TRP B 319 -23.04 -7.36 -20.11
CA TRP B 319 -22.18 -6.26 -19.70
C TRP B 319 -22.70 -5.59 -18.44
N MSE B 320 -24.01 -5.33 -18.39
CA MSE B 320 -24.60 -4.70 -17.22
C MSE B 320 -24.47 -5.56 -15.97
O MSE B 320 -24.14 -5.05 -14.91
CB MSE B 320 -26.06 -4.32 -17.48
CG MSE B 320 -26.22 -3.21 -18.53
SE MSE B 320 -28.07 -2.62 -18.75
CE MSE B 320 -28.83 -4.27 -19.23
N LYS B 321 -24.68 -6.88 -16.12
CA LYS B 321 -24.45 -7.85 -15.04
C LYS B 321 -23.01 -7.78 -14.54
N SER B 322 -22.06 -7.91 -15.46
CA SER B 322 -20.64 -7.91 -15.12
C SER B 322 -20.24 -6.65 -14.38
N ILE B 323 -20.65 -5.49 -14.91
CA ILE B 323 -20.33 -4.19 -14.32
C ILE B 323 -20.94 -4.05 -12.92
N LYS B 324 -22.23 -4.34 -12.79
CA LYS B 324 -22.91 -4.31 -11.50
C LYS B 324 -22.22 -5.22 -10.48
N ALA B 325 -21.93 -6.45 -10.89
CA ALA B 325 -21.24 -7.44 -10.04
C ALA B 325 -19.87 -6.93 -9.58
N SER B 326 -19.07 -6.45 -10.54
CA SER B 326 -17.76 -5.86 -10.26
C SER B 326 -17.83 -4.75 -9.21
N ILE B 327 -18.79 -3.83 -9.37
CA ILE B 327 -18.95 -2.71 -8.45
C ILE B 327 -19.43 -3.18 -7.07
N SER B 328 -20.43 -4.06 -7.06
CA SER B 328 -21.15 -4.45 -5.84
C SER B 328 -20.33 -5.28 -4.85
N ARG B 329 -19.31 -5.99 -5.35
CA ARG B 329 -18.51 -6.90 -4.52
C ARG B 329 -17.01 -6.65 -4.61
N ASP B 330 -16.62 -5.43 -4.99
CA ASP B 330 -15.21 -5.10 -5.20
C ASP B 330 -14.28 -5.43 -4.03
N PRO B 331 -14.64 -5.02 -2.79
CA PRO B 331 -13.78 -5.38 -1.64
C PRO B 331 -13.49 -6.87 -1.57
N PHE B 332 -14.49 -7.69 -1.84
CA PHE B 332 -14.37 -9.13 -1.84
C PHE B 332 -13.51 -9.67 -3.00
N TYR B 333 -13.75 -9.18 -4.22
CA TYR B 333 -12.92 -9.58 -5.38
C TYR B 333 -11.46 -9.16 -5.19
N ASP B 334 -11.26 -8.04 -4.51
CA ASP B 334 -9.93 -7.56 -4.18
C ASP B 334 -9.23 -8.49 -3.19
N MSE B 335 -9.99 -8.96 -2.20
CA MSE B 335 -9.52 -9.94 -1.21
C MSE B 335 -9.01 -11.20 -1.89
O MSE B 335 -7.91 -11.68 -1.59
CB MSE B 335 -10.66 -10.27 -0.23
CG MSE B 335 -10.48 -11.51 0.68
SE MSE B 335 -12.24 -12.37 1.08
CE MSE B 335 -12.25 -13.66 -0.41
N LEU B 336 -9.81 -11.74 -2.82
CA LEU B 336 -9.44 -12.93 -3.58
C LEU B 336 -8.23 -12.71 -4.49
N ALA B 337 -8.18 -11.52 -5.10
CA ALA B 337 -7.10 -11.17 -6.02
C ALA B 337 -5.74 -11.11 -5.32
N THR B 338 -5.72 -10.51 -4.14
CA THR B 338 -4.50 -10.42 -3.32
C THR B 338 -4.08 -11.80 -2.81
N ARG B 339 -5.07 -12.65 -2.59
CA ARG B 339 -4.86 -14.04 -2.18
C ARG B 339 -4.33 -14.90 -3.35
N LYS B 340 -4.88 -14.68 -4.54
CA LYS B 340 -4.48 -15.43 -5.74
C LYS B 340 -3.03 -15.14 -6.17
N ARG B 341 -2.57 -13.93 -5.90
CA ARG B 341 -1.19 -13.53 -6.22
C ARG B 341 -0.18 -14.34 -5.42
N ARG B 342 -0.48 -14.54 -4.14
CA ARG B 342 0.33 -15.36 -3.25
C ARG B 342 0.15 -16.83 -3.61
S SO4 C . -4.85 65.80 5.32
O1 SO4 C . -5.77 66.47 4.40
O2 SO4 C . -3.93 64.96 4.59
O3 SO4 C . -5.62 64.99 6.26
O4 SO4 C . -4.11 66.80 6.07
S SO4 D . 23.68 31.00 -8.75
O1 SO4 D . 23.15 31.73 -9.87
O2 SO4 D . 23.66 29.58 -9.10
O3 SO4 D . 22.92 31.24 -7.55
O4 SO4 D . 25.07 31.38 -8.48
S SO4 E . 37.66 10.11 4.77
O1 SO4 E . 38.97 9.78 4.24
O2 SO4 E . 37.39 9.27 5.93
O3 SO4 E . 36.62 9.91 3.76
O4 SO4 E . 37.65 11.52 5.19
S SO4 F . 36.16 9.46 -7.20
O1 SO4 F . 36.18 10.72 -7.94
O2 SO4 F . 36.27 8.38 -8.16
O3 SO4 F . 34.91 9.37 -6.45
O4 SO4 F . 37.30 9.42 -6.28
S SO4 G . 43.97 -14.14 -1.49
O1 SO4 G . 44.70 -14.28 -2.75
O2 SO4 G . 42.81 -15.01 -1.49
O3 SO4 G . 43.56 -12.75 -1.33
O4 SO4 G . 44.85 -14.54 -0.39
S SO4 H . 34.90 -6.92 -12.26
O1 SO4 H . 34.97 -5.46 -12.46
O2 SO4 H . 36.10 -7.54 -12.81
O3 SO4 H . 33.72 -7.44 -12.96
O4 SO4 H . 34.80 -7.22 -10.84
C1 4IP I . 38.42 -19.21 2.01
O1 4IP I . 39.68 -19.77 2.40
C2 4IP I . 38.39 -17.72 2.34
O2 4IP I . 38.57 -17.52 3.75
C3 4IP I . 37.06 -17.14 1.88
O3 4IP I . 37.05 -15.71 2.00
C4 4IP I . 35.87 -17.77 2.62
O4 4IP I . 34.65 -17.31 2.05
C5 4IP I . 35.89 -19.29 2.46
O5 4IP I . 34.90 -19.79 3.37
C6 4IP I . 37.27 -19.93 2.73
O6 4IP I . 37.28 -21.33 2.36
P1 4IP I . 40.95 -19.86 1.39
O1P 4IP I . 42.05 -20.04 2.40
O2P 4IP I . 40.99 -18.57 0.61
O3P 4IP I . 40.67 -21.07 0.55
P3 4IP I . 36.94 -14.78 0.69
O4P 4IP I . 35.59 -15.17 0.11
O5P 4IP I . 38.10 -15.16 -0.22
O6P 4IP I . 36.98 -13.38 1.24
P4 4IP I . 33.69 -16.23 2.76
O7P 4IP I . 34.22 -16.06 4.16
O8P 4IP I . 32.34 -16.87 2.66
O9P 4IP I . 33.83 -14.99 1.91
P5 4IP I . 34.11 -21.16 3.09
OPF 4IP I . 33.66 -21.12 1.65
OPG 4IP I . 32.94 -21.07 4.04
OPH 4IP I . 35.10 -22.24 3.42
C1 PGE J . 24.96 16.49 13.73
O1 PGE J . 23.72 16.86 13.14
C2 PGE J . 25.88 17.71 13.84
O2 PGE J . 27.13 17.43 13.20
C3 PGE J . 28.23 17.48 14.11
C4 PGE J . 29.02 16.18 14.01
O4 PGE J . 28.73 12.86 11.09
C6 PGE J . 29.08 14.24 11.07
C5 PGE J . 29.74 14.62 12.40
O3 PGE J . 29.50 15.99 12.69
C48 PE5 K . 22.98 3.72 -10.56
C50 PE5 K . 22.14 5.00 -10.52
O1 PE5 K . 22.11 5.54 -9.20
C1 PE5 K . 21.33 6.73 -9.10
C2 PE5 K . 21.45 7.31 -7.70
O2 PE5 K . 22.09 8.58 -7.72
C3 PE5 K . 23.02 8.73 -6.64
C4 PE5 K . 23.12 10.20 -6.25
O3 PE5 K . 22.29 10.44 -5.13
C5 PE5 K . 22.87 11.31 -4.15
C6 PE5 K . 22.87 10.66 -2.78
O4 PE5 K . 21.79 11.12 -1.95
C7 PE5 K . 21.75 10.44 -0.69
C8 PE5 K . 20.78 9.26 -0.77
O5 PE5 K . 21.02 8.34 0.28
C9 PE5 K . 20.42 7.05 0.03
C10 PE5 K . 21.32 6.26 -0.90
O6 PE5 K . 21.46 4.91 -0.47
C11 PE5 K . 22.39 4.18 -1.28
C12 PE5 K . 21.80 3.91 -2.66
O7 PE5 K . 21.04 2.70 -2.65
C13 PE5 K . 19.84 2.82 -3.41
C14 PE5 K . 19.81 1.75 -4.48
O8 PE5 K . 20.36 2.27 -5.68
C15 PE5 K . 20.65 1.23 -6.63
C16 PE5 K . 19.90 1.51 -7.94
O52 PE5 K . 20.65 2.44 -8.74
S SO4 L . -58.23 -22.26 34.88
O1 SO4 L . -58.17 -21.64 33.55
O2 SO4 L . -59.55 -22.85 35.07
O3 SO4 L . -58.00 -21.25 35.90
O4 SO4 L . -57.21 -23.30 34.97
C1 4IP M . -13.85 11.92 -29.92
O1 4IP M . -14.50 12.30 -31.12
C2 4IP M . -14.07 10.43 -29.62
O2 4IP M . -15.46 10.14 -29.48
C3 4IP M . -13.34 10.07 -28.32
O3 4IP M . -13.46 8.66 -28.05
C4 4IP M . -13.84 10.90 -27.13
O4 4IP M . -13.01 10.65 -26.00
C5 4IP M . -13.75 12.40 -27.42
O5 4IP M . -14.40 13.08 -26.34
C6 4IP M . -14.33 12.83 -28.77
O6 4IP M . -13.89 14.16 -29.09
P1 4IP M . -13.78 12.30 -32.56
O1P 4IP M . -14.97 12.18 -33.47
O2P 4IP M . -13.07 13.62 -32.68
O3P 4IP M . -12.86 11.10 -32.54
P3 4IP M . -12.14 7.74 -28.05
O4P 4IP M . -11.27 8.30 -26.94
O5P 4IP M . -11.54 7.90 -29.42
O6P 4IP M . -12.68 6.37 -27.70
P4 4IP M . -13.45 9.76 -24.73
O7P 4IP M . -14.90 9.43 -24.92
O8P 4IP M . -13.10 10.58 -23.52
O9P 4IP M . -12.59 8.53 -24.82
P5 4IP M . -14.02 14.59 -25.90
OPF 4IP M . -12.51 14.60 -25.88
OPG 4IP M . -14.62 14.69 -24.53
OPH 4IP M . -14.65 15.46 -26.97
#